data_5LGM
#
_entry.id   5LGM
#
_entity_poly.entity_id   1
_entity_poly.type   'polypeptide(L)'
_entity_poly.pdbx_seq_one_letter_code
;MSDYLKVLQAIKSCPKTFQSNYVRNNASLVAEAASRGHISCATTSGRNGGAWEITASGTRFLKRMGGCV
;
_entity_poly.pdbx_strand_id   A
#
# COMPACT_ATOMS: atom_id res chain seq x y z
N MET A 1 1.79 -8.36 -8.94
CA MET A 1 0.90 -7.47 -8.15
C MET A 1 0.43 -8.17 -6.87
N SER A 2 0.58 -9.50 -6.82
CA SER A 2 0.11 -10.28 -5.69
C SER A 2 0.72 -9.79 -4.37
N ASP A 3 2.03 -9.57 -4.38
CA ASP A 3 2.73 -9.10 -3.18
C ASP A 3 2.34 -7.67 -2.84
N TYR A 4 2.21 -6.86 -3.87
CA TYR A 4 1.88 -5.45 -3.73
C TYR A 4 0.52 -5.28 -3.04
N LEU A 5 -0.43 -6.12 -3.38
CA LEU A 5 -1.82 -5.97 -2.93
C LEU A 5 -1.89 -5.77 -1.42
N LYS A 6 -1.15 -6.58 -0.68
CA LYS A 6 -1.22 -6.51 0.77
C LYS A 6 -0.36 -5.39 1.33
N VAL A 7 0.58 -4.89 0.55
CA VAL A 7 1.53 -3.89 1.05
C VAL A 7 0.82 -2.70 1.70
N LEU A 8 -0.01 -1.99 0.95
CA LEU A 8 -0.73 -0.85 1.51
C LEU A 8 -1.86 -1.27 2.47
N GLN A 9 -2.63 -2.30 2.13
CA GLN A 9 -3.81 -2.65 2.93
C GLN A 9 -3.46 -3.33 4.24
N ALA A 10 -2.32 -4.02 4.30
CA ALA A 10 -1.98 -4.83 5.46
C ALA A 10 -1.94 -3.99 6.73
N ILE A 11 -1.41 -2.78 6.60
CA ILE A 11 -1.19 -1.92 7.76
C ILE A 11 -2.52 -1.50 8.43
N LYS A 12 -3.58 -1.34 7.64
CA LYS A 12 -4.85 -0.89 8.18
C LYS A 12 -5.49 -2.00 9.03
N SER A 13 -5.18 -3.24 8.68
CA SER A 13 -5.70 -4.38 9.40
C SER A 13 -4.69 -4.80 10.48
N CYS A 14 -3.42 -4.80 10.10
CA CYS A 14 -2.33 -5.12 11.01
C CYS A 14 -1.22 -4.07 10.86
N PRO A 15 -1.10 -3.16 11.83
CA PRO A 15 -0.18 -2.01 11.78
C PRO A 15 1.25 -2.37 11.41
N LYS A 16 1.96 -1.39 10.83
CA LYS A 16 3.39 -1.47 10.52
C LYS A 16 3.68 -2.23 9.21
N THR A 17 2.75 -3.07 8.78
CA THR A 17 2.99 -3.96 7.64
C THR A 17 3.02 -3.23 6.31
N PHE A 18 4.23 -3.03 5.81
CA PHE A 18 4.50 -2.75 4.41
C PHE A 18 4.08 -1.36 3.96
N GLN A 19 3.55 -0.55 4.84
CA GLN A 19 3.15 0.80 4.44
C GLN A 19 3.90 1.88 5.22
N SER A 20 4.05 1.65 6.51
CA SER A 20 4.69 2.61 7.42
C SER A 20 5.99 3.21 6.84
N ASN A 21 7.00 2.37 6.68
CA ASN A 21 8.29 2.83 6.18
C ASN A 21 8.66 2.07 4.90
N TYR A 22 7.92 1.01 4.66
CA TYR A 22 8.17 0.09 3.55
C TYR A 22 7.91 0.76 2.21
N VAL A 23 6.97 1.70 2.19
CA VAL A 23 6.61 2.44 0.97
C VAL A 23 7.81 3.14 0.36
N ARG A 24 8.65 3.76 1.19
CA ARG A 24 9.79 4.50 0.70
C ARG A 24 10.75 3.61 -0.08
N ASN A 25 10.92 2.38 0.39
CA ASN A 25 11.84 1.44 -0.26
C ASN A 25 11.15 0.71 -1.41
N ASN A 26 9.90 0.33 -1.21
CA ASN A 26 9.17 -0.43 -2.21
C ASN A 26 8.05 0.42 -2.81
N ALA A 27 8.41 1.62 -3.24
CA ALA A 27 7.44 2.55 -3.80
C ALA A 27 6.86 2.02 -5.10
N SER A 28 7.63 1.21 -5.82
CA SER A 28 7.18 0.63 -7.07
C SER A 28 5.97 -0.28 -6.84
N LEU A 29 5.93 -0.93 -5.68
CA LEU A 29 4.78 -1.77 -5.32
C LEU A 29 3.56 -0.88 -5.12
N VAL A 30 3.76 0.19 -4.38
CA VAL A 30 2.69 1.12 -4.07
C VAL A 30 2.22 1.85 -5.34
N ALA A 31 3.14 2.07 -6.26
CA ALA A 31 2.84 2.76 -7.52
C ALA A 31 1.88 1.94 -8.37
N GLU A 32 1.93 0.61 -8.21
CA GLU A 32 1.01 -0.29 -8.90
C GLU A 32 -0.43 0.04 -8.56
N ALA A 33 -0.63 0.53 -7.35
CA ALA A 33 -1.94 0.86 -6.82
C ALA A 33 -2.67 1.89 -7.67
N ALA A 34 -1.91 2.73 -8.35
CA ALA A 34 -2.50 3.73 -9.22
C ALA A 34 -3.32 3.07 -10.32
N SER A 35 -2.91 1.85 -10.70
CA SER A 35 -3.62 1.07 -11.69
C SER A 35 -4.90 0.47 -11.09
N ARG A 36 -4.85 0.06 -9.82
CA ARG A 36 -6.02 -0.46 -9.13
C ARG A 36 -7.04 0.65 -8.90
N GLY A 37 -6.56 1.86 -8.69
CA GLY A 37 -7.45 3.00 -8.66
C GLY A 37 -7.54 3.72 -7.32
N HIS A 38 -6.81 3.26 -6.31
CA HIS A 38 -6.92 3.89 -4.98
C HIS A 38 -5.59 3.98 -4.26
N ILE A 39 -5.27 5.20 -3.81
CA ILE A 39 -4.08 5.49 -3.00
C ILE A 39 -4.22 6.82 -2.29
N SER A 40 -3.34 7.08 -1.35
CA SER A 40 -3.32 8.36 -0.64
C SER A 40 -1.88 8.67 -0.22
N CYS A 41 -1.45 9.91 -0.40
CA CYS A 41 -0.08 10.30 -0.12
C CYS A 41 -0.01 11.22 1.09
N ALA A 42 0.86 10.88 2.04
CA ALA A 42 1.03 11.69 3.24
C ALA A 42 2.03 12.82 3.00
N THR A 43 3.25 12.49 2.57
CA THR A 43 4.23 13.52 2.23
C THR A 43 5.20 13.04 1.15
N THR A 44 5.47 11.73 1.17
CA THR A 44 6.35 11.07 0.20
C THR A 44 7.76 11.72 0.11
N SER A 45 8.13 12.49 1.13
CA SER A 45 9.44 13.10 1.15
C SER A 45 10.45 12.14 1.79
N GLY A 46 10.29 11.90 3.07
CA GLY A 46 11.13 10.95 3.76
C GLY A 46 10.53 9.57 3.77
N ARG A 47 10.69 8.87 4.87
CA ARG A 47 10.13 7.52 5.00
C ARG A 47 9.25 7.41 6.24
N ASN A 48 9.21 8.46 7.05
CA ASN A 48 8.42 8.46 8.26
C ASN A 48 7.03 9.05 8.01
N GLY A 49 7.00 10.36 7.75
CA GLY A 49 5.75 11.02 7.44
C GLY A 49 5.52 11.08 5.95
N GLY A 50 6.61 11.00 5.19
CA GLY A 50 6.50 11.00 3.76
C GLY A 50 6.32 9.60 3.20
N ALA A 51 5.21 9.00 3.55
CA ALA A 51 4.85 7.69 3.04
C ALA A 51 3.47 7.76 2.42
N TRP A 52 3.07 6.68 1.77
CA TRP A 52 1.71 6.59 1.23
C TRP A 52 0.84 5.82 2.21
N GLU A 53 -0.46 5.96 2.06
CA GLU A 53 -1.40 5.24 2.89
C GLU A 53 -2.58 4.78 2.03
N ILE A 54 -3.21 3.72 2.47
CA ILE A 54 -4.35 3.17 1.74
C ILE A 54 -5.65 3.82 2.20
N THR A 55 -6.59 3.93 1.27
CA THR A 55 -7.92 4.37 1.61
C THR A 55 -8.77 3.19 2.06
N ALA A 56 -9.84 3.43 2.80
CA ALA A 56 -10.68 2.34 3.32
C ALA A 56 -11.11 1.39 2.20
N SER A 57 -11.40 1.96 1.05
CA SER A 57 -11.89 1.22 -0.10
C SER A 57 -10.87 0.22 -0.63
N GLY A 58 -9.58 0.58 -0.59
CA GLY A 58 -8.57 -0.21 -1.25
C GLY A 58 -8.50 -1.64 -0.75
N THR A 59 -8.74 -1.79 0.55
CA THR A 59 -8.61 -3.08 1.21
C THR A 59 -9.55 -4.14 0.64
N ARG A 60 -10.73 -3.71 0.18
CA ARG A 60 -11.76 -4.66 -0.22
C ARG A 60 -11.46 -5.30 -1.57
N PHE A 61 -11.33 -4.47 -2.60
CA PHE A 61 -11.15 -4.98 -3.96
C PHE A 61 -9.74 -5.52 -4.22
N LEU A 62 -8.75 -4.74 -3.82
CA LEU A 62 -7.37 -5.02 -4.19
C LEU A 62 -6.84 -6.29 -3.50
N LYS A 63 -7.15 -6.46 -2.22
CA LYS A 63 -6.62 -7.58 -1.46
C LYS A 63 -7.22 -8.91 -1.94
N ARG A 64 -8.45 -8.84 -2.45
CA ARG A 64 -9.16 -10.04 -2.87
C ARG A 64 -8.63 -10.53 -4.22
N MET A 65 -7.86 -9.68 -4.90
CA MET A 65 -7.29 -10.00 -6.20
C MET A 65 -6.14 -11.00 -6.08
N GLY A 66 -5.98 -11.57 -4.90
CA GLY A 66 -4.87 -12.50 -4.68
C GLY A 66 -3.77 -11.90 -3.84
N GLY A 67 -4.16 -11.17 -2.80
CA GLY A 67 -3.19 -10.53 -1.94
C GLY A 67 -2.27 -11.52 -1.25
N CYS A 68 -1.01 -11.54 -1.70
CA CYS A 68 0.01 -12.45 -1.18
C CYS A 68 -0.29 -13.91 -1.56
N VAL A 69 -1.44 -14.41 -1.13
CA VAL A 69 -1.84 -15.79 -1.37
C VAL A 69 -0.90 -16.76 -0.63
N MET A 1 2.56 -8.09 -8.44
CA MET A 1 1.34 -7.38 -7.99
C MET A 1 0.79 -8.01 -6.71
N SER A 2 0.93 -9.33 -6.58
CA SER A 2 0.40 -10.07 -5.44
C SER A 2 0.95 -9.54 -4.12
N ASP A 3 2.26 -9.28 -4.08
CA ASP A 3 2.90 -8.77 -2.87
C ASP A 3 2.40 -7.37 -2.57
N TYR A 4 2.25 -6.59 -3.63
CA TYR A 4 1.84 -5.20 -3.52
C TYR A 4 0.46 -5.08 -2.88
N LEU A 5 -0.42 -6.01 -3.22
CA LEU A 5 -1.81 -5.97 -2.77
C LEU A 5 -1.91 -5.77 -1.26
N LYS A 6 -1.15 -6.56 -0.51
CA LYS A 6 -1.22 -6.47 0.93
C LYS A 6 -0.36 -5.35 1.49
N VAL A 7 0.58 -4.85 0.70
CA VAL A 7 1.51 -3.81 1.15
C VAL A 7 0.76 -2.63 1.80
N LEU A 8 -0.10 -1.98 1.04
CA LEU A 8 -0.83 -0.83 1.55
C LEU A 8 -1.90 -1.21 2.58
N GLN A 9 -2.72 -2.22 2.28
CA GLN A 9 -3.86 -2.53 3.12
C GLN A 9 -3.49 -3.20 4.44
N ALA A 10 -2.37 -3.92 4.47
CA ALA A 10 -2.00 -4.69 5.65
C ALA A 10 -1.89 -3.81 6.88
N ILE A 11 -1.11 -2.73 6.80
CA ILE A 11 -0.98 -1.81 7.93
C ILE A 11 -2.35 -1.34 8.41
N LYS A 12 -3.32 -1.28 7.50
CA LYS A 12 -4.68 -0.91 7.85
C LYS A 12 -5.42 -2.06 8.54
N SER A 13 -5.37 -3.26 7.96
CA SER A 13 -6.17 -4.37 8.44
C SER A 13 -5.41 -5.29 9.41
N CYS A 14 -4.23 -5.74 9.02
CA CYS A 14 -3.51 -6.75 9.80
C CYS A 14 -2.00 -6.49 9.74
N PRO A 15 -1.35 -6.31 10.91
CA PRO A 15 0.07 -5.94 11.00
C PRO A 15 1.03 -7.06 10.64
N LYS A 16 0.62 -7.95 9.75
CA LYS A 16 1.51 -8.98 9.22
C LYS A 16 2.43 -8.35 8.18
N THR A 17 1.92 -7.32 7.54
CA THR A 17 2.67 -6.53 6.60
C THR A 17 2.35 -5.06 6.87
N PHE A 18 3.13 -4.13 6.35
CA PHE A 18 2.92 -2.74 6.63
C PHE A 18 3.31 -1.89 5.45
N GLN A 19 2.93 -0.63 5.47
CA GLN A 19 3.15 0.24 4.34
C GLN A 19 4.03 1.44 4.68
N SER A 20 3.98 1.90 5.94
CA SER A 20 4.64 3.14 6.38
C SER A 20 6.05 3.32 5.79
N ASN A 21 7.04 2.62 6.34
CA ASN A 21 8.41 2.77 5.89
C ASN A 21 8.65 1.88 4.67
N TYR A 22 7.68 1.02 4.43
CA TYR A 22 7.73 0.06 3.34
C TYR A 22 7.67 0.78 2.00
N VAL A 23 6.95 1.90 1.97
CA VAL A 23 6.77 2.70 0.76
C VAL A 23 8.11 3.17 0.19
N ARG A 24 8.96 3.69 1.05
CA ARG A 24 10.25 4.24 0.60
C ARG A 24 11.15 3.14 0.04
N ASN A 25 10.94 1.92 0.50
CA ASN A 25 11.71 0.77 0.02
C ASN A 25 11.08 0.17 -1.23
N ASN A 26 9.76 0.07 -1.23
CA ASN A 26 9.04 -0.61 -2.30
C ASN A 26 8.02 0.31 -2.94
N ALA A 27 8.47 1.49 -3.35
CA ALA A 27 7.60 2.48 -3.94
C ALA A 27 6.98 1.97 -5.22
N SER A 28 7.70 1.10 -5.94
CA SER A 28 7.20 0.55 -7.20
C SER A 28 6.00 -0.34 -6.95
N LEU A 29 5.99 -1.00 -5.79
CA LEU A 29 4.84 -1.82 -5.40
C LEU A 29 3.63 -0.94 -5.14
N VAL A 30 3.82 0.10 -4.36
CA VAL A 30 2.74 1.01 -4.00
C VAL A 30 2.24 1.76 -5.24
N ALA A 31 3.16 2.04 -6.16
CA ALA A 31 2.82 2.75 -7.39
C ALA A 31 1.85 1.96 -8.26
N GLU A 32 1.88 0.64 -8.12
CA GLU A 32 0.96 -0.24 -8.84
C GLU A 32 -0.48 0.12 -8.52
N ALA A 33 -0.70 0.62 -7.32
CA ALA A 33 -2.04 0.94 -6.82
C ALA A 33 -2.79 1.89 -7.73
N ALA A 34 -2.06 2.69 -8.49
CA ALA A 34 -2.68 3.65 -9.39
C ALA A 34 -3.59 2.95 -10.41
N SER A 35 -3.21 1.74 -10.81
CA SER A 35 -4.03 0.96 -11.74
C SER A 35 -5.26 0.38 -11.04
N ARG A 36 -5.11 0.01 -9.77
CA ARG A 36 -6.23 -0.49 -8.98
C ARG A 36 -7.22 0.63 -8.69
N GLY A 37 -6.70 1.86 -8.57
CA GLY A 37 -7.57 3.02 -8.54
C GLY A 37 -7.64 3.73 -7.20
N HIS A 38 -6.88 3.29 -6.20
CA HIS A 38 -6.95 3.93 -4.89
C HIS A 38 -5.61 3.97 -4.17
N ILE A 39 -5.24 5.18 -3.75
CA ILE A 39 -4.07 5.41 -2.90
C ILE A 39 -4.17 6.77 -2.24
N SER A 40 -3.33 6.99 -1.26
CA SER A 40 -3.35 8.22 -0.49
C SER A 40 -1.94 8.61 -0.04
N CYS A 41 -1.52 9.82 -0.36
CA CYS A 41 -0.16 10.25 -0.03
C CYS A 41 -0.17 11.18 1.18
N ALA A 42 0.89 11.10 1.98
CA ALA A 42 1.05 12.00 3.11
C ALA A 42 2.10 13.06 2.80
N THR A 43 3.37 12.69 2.85
CA THR A 43 4.42 13.63 2.49
C THR A 43 5.32 13.06 1.40
N THR A 44 5.46 11.74 1.42
CA THR A 44 6.26 10.98 0.44
C THR A 44 7.67 11.56 0.27
N SER A 45 8.16 12.23 1.30
CA SER A 45 9.47 12.84 1.26
C SER A 45 10.59 11.81 1.43
N GLY A 46 10.83 11.42 2.67
CA GLY A 46 11.86 10.45 2.95
C GLY A 46 11.57 9.70 4.23
N ARG A 47 10.52 8.90 4.21
CA ARG A 47 10.04 8.18 5.39
C ARG A 47 9.54 9.19 6.43
N ASN A 48 9.23 8.69 7.63
CA ASN A 48 8.84 9.54 8.76
C ASN A 48 7.73 10.51 8.36
N GLY A 49 6.53 9.98 8.12
CA GLY A 49 5.42 10.81 7.72
C GLY A 49 5.34 10.94 6.22
N GLY A 50 6.49 11.03 5.57
CA GLY A 50 6.52 11.09 4.13
C GLY A 50 6.42 9.71 3.52
N ALA A 51 5.23 9.14 3.63
CA ALA A 51 4.94 7.82 3.10
C ALA A 51 3.59 7.83 2.41
N TRP A 52 3.26 6.72 1.76
CA TRP A 52 1.95 6.54 1.19
C TRP A 52 1.09 5.73 2.14
N GLU A 53 -0.21 5.93 2.06
CA GLU A 53 -1.17 5.23 2.89
C GLU A 53 -2.34 4.79 2.01
N ILE A 54 -3.21 3.97 2.56
CA ILE A 54 -4.31 3.42 1.79
C ILE A 54 -5.66 3.97 2.26
N THR A 55 -6.61 4.02 1.35
CA THR A 55 -7.98 4.38 1.68
C THR A 55 -8.73 3.15 2.14
N ALA A 56 -9.82 3.33 2.89
CA ALA A 56 -10.59 2.20 3.39
C ALA A 56 -11.01 1.27 2.25
N SER A 57 -11.48 1.88 1.17
CA SER A 57 -12.00 1.15 0.02
C SER A 57 -10.96 0.22 -0.62
N GLY A 58 -9.70 0.63 -0.58
CA GLY A 58 -8.68 -0.06 -1.34
C GLY A 58 -8.54 -1.52 -0.97
N THR A 59 -8.73 -1.81 0.29
CA THR A 59 -8.52 -3.16 0.80
C THR A 59 -9.47 -4.18 0.17
N ARG A 60 -10.69 -3.77 -0.14
CA ARG A 60 -11.73 -4.72 -0.54
C ARG A 60 -11.47 -5.29 -1.93
N PHE A 61 -11.36 -4.43 -2.93
CA PHE A 61 -11.16 -4.89 -4.31
C PHE A 61 -9.75 -5.39 -4.56
N LEU A 62 -8.78 -4.69 -4.01
CA LEU A 62 -7.38 -4.98 -4.28
C LEU A 62 -6.89 -6.29 -3.64
N LYS A 63 -7.15 -6.49 -2.34
CA LYS A 63 -6.55 -7.62 -1.63
C LYS A 63 -7.12 -8.96 -2.12
N ARG A 64 -8.38 -8.94 -2.57
CA ARG A 64 -9.06 -10.15 -3.02
C ARG A 64 -8.41 -10.69 -4.30
N MET A 65 -7.62 -9.84 -4.97
CA MET A 65 -6.97 -10.22 -6.22
C MET A 65 -5.88 -11.27 -5.99
N GLY A 66 -5.70 -11.66 -4.75
CA GLY A 66 -4.69 -12.65 -4.43
C GLY A 66 -3.53 -12.07 -3.64
N GLY A 67 -3.85 -11.23 -2.66
CA GLY A 67 -2.83 -10.62 -1.83
C GLY A 67 -1.86 -11.62 -1.22
N CYS A 68 -0.64 -11.61 -1.73
CA CYS A 68 0.43 -12.51 -1.27
C CYS A 68 0.03 -13.99 -1.38
N VAL A 69 -0.91 -14.30 -2.25
CA VAL A 69 -1.33 -15.68 -2.48
C VAL A 69 -1.43 -15.99 -3.96
N MET A 1 2.80 -7.93 -8.53
CA MET A 1 1.59 -7.28 -7.98
C MET A 1 1.02 -8.08 -6.82
N SER A 2 1.43 -9.34 -6.69
CA SER A 2 0.86 -10.24 -5.70
C SER A 2 1.13 -9.75 -4.27
N ASP A 3 2.38 -9.47 -3.96
CA ASP A 3 2.75 -8.99 -2.62
C ASP A 3 2.25 -7.57 -2.40
N TYR A 4 2.32 -6.77 -3.46
CA TYR A 4 1.88 -5.39 -3.41
C TYR A 4 0.46 -5.27 -2.83
N LEU A 5 -0.39 -6.24 -3.14
CA LEU A 5 -1.79 -6.20 -2.74
C LEU A 5 -1.92 -5.94 -1.23
N LYS A 6 -1.16 -6.66 -0.44
CA LYS A 6 -1.27 -6.53 1.00
C LYS A 6 -0.46 -5.35 1.53
N VAL A 7 0.48 -4.85 0.74
CA VAL A 7 1.42 -3.82 1.19
C VAL A 7 0.68 -2.64 1.85
N LEU A 8 -0.18 -1.99 1.10
CA LEU A 8 -0.88 -0.81 1.60
C LEU A 8 -1.92 -1.15 2.68
N GLN A 9 -2.75 -2.14 2.41
CA GLN A 9 -3.85 -2.47 3.31
C GLN A 9 -3.41 -3.17 4.60
N ALA A 10 -2.28 -3.85 4.57
CA ALA A 10 -1.84 -4.62 5.74
C ALA A 10 -1.71 -3.74 6.98
N ILE A 11 -0.98 -2.63 6.87
CA ILE A 11 -0.86 -1.70 8.00
C ILE A 11 -2.23 -1.34 8.56
N LYS A 12 -3.23 -1.29 7.68
CA LYS A 12 -4.61 -1.03 8.08
C LYS A 12 -5.27 -2.26 8.73
N SER A 13 -5.19 -3.40 8.07
CA SER A 13 -5.95 -4.57 8.50
C SER A 13 -5.15 -5.54 9.39
N CYS A 14 -3.98 -5.95 8.93
CA CYS A 14 -3.26 -7.07 9.56
C CYS A 14 -1.76 -6.79 9.66
N PRO A 15 -1.16 -7.08 10.83
CA PRO A 15 0.27 -6.89 11.05
C PRO A 15 1.12 -7.84 10.20
N LYS A 16 2.43 -7.86 10.49
CA LYS A 16 3.42 -8.67 9.76
C LYS A 16 3.73 -8.05 8.39
N THR A 17 2.91 -7.10 7.99
CA THR A 17 3.13 -6.34 6.77
C THR A 17 2.64 -4.91 7.00
N PHE A 18 3.21 -3.95 6.31
CA PHE A 18 2.94 -2.55 6.58
C PHE A 18 3.27 -1.70 5.38
N GLN A 19 2.83 -0.46 5.42
CA GLN A 19 3.06 0.46 4.33
C GLN A 19 3.86 1.68 4.82
N SER A 20 4.03 1.76 6.15
CA SER A 20 4.64 2.92 6.80
C SER A 20 5.98 3.32 6.16
N ASN A 21 7.01 2.53 6.42
CA ASN A 21 8.34 2.81 5.88
C ASN A 21 8.59 1.93 4.67
N TYR A 22 7.60 1.13 4.34
CA TYR A 22 7.69 0.16 3.26
C TYR A 22 7.62 0.85 1.91
N VAL A 23 6.87 1.95 1.85
CA VAL A 23 6.67 2.70 0.61
C VAL A 23 7.98 3.19 0.02
N ARG A 24 8.78 3.87 0.82
CA ARG A 24 10.02 4.48 0.34
C ARG A 24 10.97 3.42 -0.23
N ASN A 25 10.85 2.20 0.27
CA ASN A 25 11.68 1.10 -0.19
C ASN A 25 11.06 0.43 -1.42
N ASN A 26 9.79 0.09 -1.32
CA ASN A 26 9.10 -0.66 -2.37
C ASN A 26 8.06 0.20 -3.07
N ALA A 27 8.47 1.39 -3.49
CA ALA A 27 7.56 2.35 -4.11
C ALA A 27 6.94 1.80 -5.39
N SER A 28 7.73 1.06 -6.16
CA SER A 28 7.26 0.48 -7.41
C SER A 28 6.08 -0.47 -7.19
N LEU A 29 6.07 -1.12 -6.03
CA LEU A 29 4.94 -1.98 -5.65
C LEU A 29 3.70 -1.13 -5.37
N VAL A 30 3.86 -0.15 -4.49
CA VAL A 30 2.76 0.71 -4.08
C VAL A 30 2.22 1.49 -5.28
N ALA A 31 3.10 1.81 -6.23
CA ALA A 31 2.72 2.56 -7.42
C ALA A 31 1.67 1.81 -8.24
N GLU A 32 1.64 0.49 -8.13
CA GLU A 32 0.63 -0.33 -8.80
C GLU A 32 -0.77 0.08 -8.36
N ALA A 33 -0.87 0.58 -7.13
CA ALA A 33 -2.14 0.97 -6.55
C ALA A 33 -2.84 2.05 -7.35
N ALA A 34 -2.06 2.87 -8.04
CA ALA A 34 -2.62 3.91 -8.89
C ALA A 34 -3.44 3.29 -10.01
N SER A 35 -2.96 2.15 -10.49
CA SER A 35 -3.64 1.40 -11.54
C SER A 35 -4.88 0.69 -10.98
N ARG A 36 -4.82 0.28 -9.71
CA ARG A 36 -5.99 -0.30 -9.05
C ARG A 36 -7.02 0.78 -8.79
N GLY A 37 -6.57 2.01 -8.57
CA GLY A 37 -7.47 3.14 -8.56
C GLY A 37 -7.53 3.90 -7.24
N HIS A 38 -6.89 3.40 -6.19
CA HIS A 38 -7.02 4.04 -4.88
C HIS A 38 -5.70 4.11 -4.13
N ILE A 39 -5.38 5.31 -3.68
CA ILE A 39 -4.20 5.60 -2.86
C ILE A 39 -4.34 6.96 -2.19
N SER A 40 -3.48 7.22 -1.23
CA SER A 40 -3.46 8.51 -0.55
C SER A 40 -2.02 8.87 -0.20
N CYS A 41 -1.61 10.09 -0.50
CA CYS A 41 -0.21 10.48 -0.39
C CYS A 41 0.03 11.44 0.77
N ALA A 42 1.06 11.15 1.56
CA ALA A 42 1.48 12.03 2.64
C ALA A 42 2.55 13.00 2.12
N THR A 43 3.68 12.47 1.67
CA THR A 43 4.73 13.33 1.10
C THR A 43 5.53 12.61 0.01
N THR A 44 5.65 11.28 0.13
CA THR A 44 6.40 10.44 -0.80
C THR A 44 7.92 10.68 -0.70
N SER A 45 8.33 11.94 -0.77
CA SER A 45 9.74 12.29 -0.68
C SER A 45 10.23 12.20 0.77
N GLY A 46 11.29 11.43 0.98
CA GLY A 46 11.79 11.20 2.32
C GLY A 46 10.96 10.18 3.05
N ARG A 47 11.60 9.13 3.57
CA ARG A 47 10.90 8.12 4.36
C ARG A 47 10.24 8.79 5.57
N ASN A 48 10.77 9.96 5.91
CA ASN A 48 10.23 10.82 6.94
C ASN A 48 8.91 11.43 6.49
N GLY A 49 7.80 10.75 6.80
CA GLY A 49 6.49 11.26 6.46
C GLY A 49 6.11 11.03 5.01
N GLY A 50 7.11 11.01 4.14
CA GLY A 50 6.86 10.81 2.74
C GLY A 50 6.57 9.36 2.42
N ALA A 51 5.36 8.95 2.73
CA ALA A 51 4.88 7.64 2.40
C ALA A 51 3.47 7.73 1.85
N TRP A 52 2.98 6.63 1.32
CA TRP A 52 1.61 6.55 0.89
C TRP A 52 0.80 5.83 1.95
N GLU A 53 -0.49 6.10 1.99
CA GLU A 53 -1.39 5.36 2.85
C GLU A 53 -2.57 4.88 2.01
N ILE A 54 -3.36 3.98 2.57
CA ILE A 54 -4.44 3.38 1.82
C ILE A 54 -5.79 3.94 2.24
N THR A 55 -6.69 4.05 1.29
CA THR A 55 -8.06 4.39 1.58
C THR A 55 -8.81 3.12 1.99
N ALA A 56 -9.90 3.28 2.72
CA ALA A 56 -10.64 2.13 3.25
C ALA A 56 -11.22 1.27 2.14
N SER A 57 -11.42 1.88 0.98
CA SER A 57 -11.95 1.18 -0.19
C SER A 57 -10.93 0.20 -0.76
N GLY A 58 -9.65 0.59 -0.74
CA GLY A 58 -8.63 -0.15 -1.44
C GLY A 58 -8.51 -1.58 -0.98
N THR A 59 -8.72 -1.79 0.31
CA THR A 59 -8.56 -3.09 0.92
C THR A 59 -9.49 -4.15 0.32
N ARG A 60 -10.67 -3.73 -0.14
CA ARG A 60 -11.67 -4.70 -0.58
C ARG A 60 -11.33 -5.29 -1.95
N PHE A 61 -11.19 -4.44 -2.95
CA PHE A 61 -10.99 -4.92 -4.33
C PHE A 61 -9.58 -5.45 -4.57
N LEU A 62 -8.60 -4.75 -4.05
CA LEU A 62 -7.21 -5.05 -4.37
C LEU A 62 -6.75 -6.39 -3.77
N LYS A 63 -6.95 -6.60 -2.47
CA LYS A 63 -6.47 -7.82 -1.81
C LYS A 63 -7.22 -9.05 -2.30
N ARG A 64 -8.45 -8.84 -2.77
CA ARG A 64 -9.32 -9.94 -3.21
C ARG A 64 -8.66 -10.80 -4.29
N MET A 65 -7.59 -10.28 -4.90
CA MET A 65 -6.82 -11.02 -5.89
C MET A 65 -5.93 -12.09 -5.24
N GLY A 66 -6.22 -12.41 -3.99
CA GLY A 66 -5.53 -13.48 -3.29
C GLY A 66 -4.63 -12.97 -2.19
N GLY A 67 -3.97 -11.84 -2.44
CA GLY A 67 -3.09 -11.25 -1.44
C GLY A 67 -1.84 -12.06 -1.20
N CYS A 68 -0.73 -11.64 -1.83
CA CYS A 68 0.58 -12.26 -1.64
C CYS A 68 0.61 -13.70 -2.17
N VAL A 69 -0.23 -13.98 -3.15
CA VAL A 69 -0.21 -15.28 -3.82
C VAL A 69 -0.30 -15.11 -5.33
N MET A 1 2.11 -8.20 -8.83
CA MET A 1 1.00 -7.45 -8.20
C MET A 1 0.51 -8.13 -6.93
N SER A 2 0.78 -9.43 -6.80
CA SER A 2 0.27 -10.22 -5.69
C SER A 2 0.75 -9.67 -4.35
N ASP A 3 2.04 -9.40 -4.25
CA ASP A 3 2.63 -8.90 -3.00
C ASP A 3 2.19 -7.47 -2.75
N TYR A 4 2.14 -6.69 -3.82
CA TYR A 4 1.74 -5.28 -3.74
C TYR A 4 0.36 -5.14 -3.10
N LEU A 5 -0.54 -6.07 -3.40
CA LEU A 5 -1.91 -6.01 -2.93
C LEU A 5 -1.97 -5.83 -1.41
N LYS A 6 -1.24 -6.64 -0.68
CA LYS A 6 -1.28 -6.58 0.76
C LYS A 6 -0.35 -5.50 1.33
N VAL A 7 0.59 -5.01 0.52
CA VAL A 7 1.54 -3.99 0.98
C VAL A 7 0.80 -2.82 1.65
N LEU A 8 -0.05 -2.17 0.89
CA LEU A 8 -0.77 -1.00 1.39
C LEU A 8 -1.86 -1.36 2.40
N GLN A 9 -2.70 -2.34 2.07
CA GLN A 9 -3.88 -2.61 2.89
C GLN A 9 -3.55 -3.29 4.22
N ALA A 10 -2.45 -4.01 4.29
CA ALA A 10 -2.11 -4.74 5.50
C ALA A 10 -1.98 -3.81 6.70
N ILE A 11 -1.18 -2.75 6.57
CA ILE A 11 -0.91 -1.83 7.70
C ILE A 11 -2.20 -1.33 8.38
N LYS A 12 -3.23 -1.04 7.60
CA LYS A 12 -4.47 -0.51 8.15
C LYS A 12 -5.29 -1.61 8.81
N SER A 13 -5.16 -2.83 8.31
CA SER A 13 -5.97 -3.95 8.78
C SER A 13 -5.25 -4.79 9.84
N CYS A 14 -4.03 -5.21 9.55
CA CYS A 14 -3.33 -6.19 10.37
C CYS A 14 -1.82 -5.86 10.40
N PRO A 15 -1.20 -5.94 11.60
CA PRO A 15 0.23 -5.64 11.76
C PRO A 15 1.15 -6.71 11.16
N LYS A 16 0.84 -7.11 9.94
CA LYS A 16 1.64 -8.07 9.19
C LYS A 16 1.81 -7.56 7.77
N THR A 17 2.98 -6.99 7.48
CA THR A 17 3.20 -6.19 6.29
C THR A 17 2.57 -4.81 6.49
N PHE A 18 3.27 -3.77 6.05
CA PHE A 18 2.83 -2.42 6.36
C PHE A 18 3.26 -1.43 5.29
N GLN A 19 2.66 -0.24 5.34
CA GLN A 19 2.91 0.78 4.33
C GLN A 19 3.48 2.05 4.97
N SER A 20 4.03 1.94 6.17
CA SER A 20 4.55 3.10 6.88
C SER A 20 5.82 3.65 6.20
N ASN A 21 6.98 3.15 6.61
CA ASN A 21 8.23 3.57 6.00
C ASN A 21 8.59 2.60 4.89
N TYR A 22 7.81 1.53 4.79
CA TYR A 22 7.97 0.51 3.77
C TYR A 22 7.85 1.12 2.38
N VAL A 23 7.06 2.18 2.28
CA VAL A 23 6.89 2.90 1.02
C VAL A 23 8.23 3.32 0.44
N ARG A 24 9.08 3.90 1.27
CA ARG A 24 10.42 4.31 0.82
C ARG A 24 11.26 3.12 0.34
N ASN A 25 10.87 1.91 0.73
CA ASN A 25 11.55 0.70 0.26
C ASN A 25 10.98 0.23 -1.07
N ASN A 26 9.67 0.00 -1.10
CA ASN A 26 9.01 -0.55 -2.29
C ASN A 26 7.94 0.39 -2.83
N ALA A 27 8.32 1.64 -3.06
CA ALA A 27 7.40 2.65 -3.58
C ALA A 27 6.83 2.22 -4.93
N SER A 28 7.60 1.44 -5.67
CA SER A 28 7.17 0.94 -6.97
C SER A 28 5.98 0.00 -6.82
N LEU A 29 5.95 -0.75 -5.72
CA LEU A 29 4.83 -1.63 -5.44
C LEU A 29 3.59 -0.81 -5.13
N VAL A 30 3.78 0.23 -4.32
CA VAL A 30 2.68 1.12 -3.95
C VAL A 30 2.14 1.85 -5.18
N ALA A 31 3.03 2.12 -6.14
CA ALA A 31 2.65 2.81 -7.38
C ALA A 31 1.64 2.00 -8.19
N GLU A 32 1.72 0.68 -8.08
CA GLU A 32 0.79 -0.23 -8.75
C GLU A 32 -0.65 0.09 -8.36
N ALA A 33 -0.83 0.62 -7.16
CA ALA A 33 -2.15 0.96 -6.64
C ALA A 33 -2.88 1.94 -7.53
N ALA A 34 -2.14 2.73 -8.28
CA ALA A 34 -2.73 3.67 -9.23
C ALA A 34 -3.46 2.93 -10.34
N SER A 35 -3.04 1.69 -10.58
CA SER A 35 -3.69 0.83 -11.54
C SER A 35 -5.01 0.32 -10.97
N ARG A 36 -4.99 -0.08 -9.70
CA ARG A 36 -6.21 -0.54 -9.04
C ARG A 36 -7.13 0.64 -8.73
N GLY A 37 -6.54 1.81 -8.49
CA GLY A 37 -7.30 3.03 -8.49
C GLY A 37 -7.48 3.67 -7.12
N HIS A 38 -6.65 3.32 -6.14
CA HIS A 38 -6.76 3.96 -4.82
C HIS A 38 -5.45 4.00 -4.05
N ILE A 39 -5.08 5.22 -3.64
CA ILE A 39 -3.95 5.47 -2.75
C ILE A 39 -4.03 6.89 -2.21
N SER A 40 -3.32 7.16 -1.13
CA SER A 40 -3.27 8.49 -0.54
C SER A 40 -1.83 8.84 -0.18
N CYS A 41 -1.38 10.03 -0.55
CA CYS A 41 0.00 10.43 -0.32
C CYS A 41 0.09 11.54 0.71
N ALA A 42 1.01 11.39 1.66
CA ALA A 42 1.26 12.42 2.66
C ALA A 42 2.28 13.43 2.15
N THR A 43 3.41 12.93 1.66
CA THR A 43 4.41 13.79 1.02
C THR A 43 5.19 13.02 -0.06
N THR A 44 5.25 11.70 0.09
CA THR A 44 5.93 10.80 -0.86
C THR A 44 7.45 10.98 -0.85
N SER A 45 7.91 12.21 -1.03
CA SER A 45 9.34 12.48 -1.15
C SER A 45 9.95 12.87 0.21
N GLY A 46 10.30 11.87 1.00
CA GLY A 46 10.98 12.12 2.24
C GLY A 46 10.73 11.02 3.24
N ARG A 47 11.76 10.62 3.97
CA ARG A 47 11.61 9.60 5.00
C ARG A 47 10.97 10.19 6.26
N ASN A 48 10.66 11.48 6.17
CA ASN A 48 10.04 12.20 7.27
C ASN A 48 8.53 12.04 7.25
N GLY A 49 7.88 12.68 6.29
CA GLY A 49 6.44 12.57 6.15
C GLY A 49 6.05 12.09 4.78
N GLY A 50 7.03 11.92 3.91
CA GLY A 50 6.76 11.45 2.56
C GLY A 50 6.51 9.97 2.52
N ALA A 51 5.34 9.58 2.95
CA ALA A 51 4.91 8.20 2.86
C ALA A 51 3.56 8.12 2.17
N TRP A 52 3.25 6.97 1.63
CA TRP A 52 1.93 6.71 1.07
C TRP A 52 1.10 5.93 2.08
N GLU A 53 -0.21 6.02 1.95
CA GLU A 53 -1.12 5.23 2.74
C GLU A 53 -2.28 4.79 1.87
N ILE A 54 -3.07 3.85 2.35
CA ILE A 54 -4.16 3.30 1.57
C ILE A 54 -5.51 3.82 2.07
N THR A 55 -6.48 3.86 1.17
CA THR A 55 -7.82 4.24 1.52
C THR A 55 -8.63 2.99 1.90
N ALA A 56 -9.71 3.18 2.65
CA ALA A 56 -10.52 2.04 3.11
C ALA A 56 -10.97 1.17 1.93
N SER A 57 -11.39 1.82 0.86
CA SER A 57 -11.91 1.14 -0.31
C SER A 57 -10.88 0.17 -0.92
N GLY A 58 -9.61 0.57 -0.91
CA GLY A 58 -8.59 -0.20 -1.60
C GLY A 58 -8.46 -1.60 -1.03
N THR A 59 -8.67 -1.70 0.27
CA THR A 59 -8.49 -2.94 1.00
C THR A 59 -9.40 -4.06 0.50
N ARG A 60 -10.62 -3.71 0.12
CA ARG A 60 -11.64 -4.71 -0.19
C ARG A 60 -11.41 -5.37 -1.54
N PHE A 61 -11.37 -4.58 -2.60
CA PHE A 61 -11.24 -5.13 -3.95
C PHE A 61 -9.85 -5.64 -4.25
N LEU A 62 -8.85 -4.88 -3.86
CA LEU A 62 -7.48 -5.17 -4.23
C LEU A 62 -6.94 -6.42 -3.54
N LYS A 63 -7.27 -6.61 -2.26
CA LYS A 63 -6.73 -7.73 -1.51
C LYS A 63 -7.28 -9.07 -2.03
N ARG A 64 -8.51 -9.04 -2.53
CA ARG A 64 -9.16 -10.26 -3.01
C ARG A 64 -8.56 -10.70 -4.33
N MET A 65 -7.81 -9.81 -4.98
CA MET A 65 -7.22 -10.09 -6.29
C MET A 65 -6.04 -11.04 -6.18
N GLY A 66 -5.86 -11.63 -4.99
CA GLY A 66 -4.79 -12.59 -4.81
C GLY A 66 -3.66 -12.04 -3.95
N GLY A 67 -4.02 -11.34 -2.89
CA GLY A 67 -3.03 -10.72 -2.02
C GLY A 67 -2.05 -11.71 -1.43
N CYS A 68 -0.84 -11.71 -1.96
CA CYS A 68 0.26 -12.55 -1.49
C CYS A 68 -0.08 -14.05 -1.58
N VAL A 69 -0.94 -14.40 -2.53
CA VAL A 69 -1.27 -15.79 -2.77
C VAL A 69 -1.18 -16.10 -4.27
N MET A 1 1.65 -8.61 -8.73
CA MET A 1 0.72 -7.76 -7.96
C MET A 1 0.37 -8.40 -6.62
N SER A 2 0.51 -9.71 -6.52
CA SER A 2 0.13 -10.45 -5.33
C SER A 2 0.78 -9.88 -4.07
N ASP A 3 2.08 -9.63 -4.16
CA ASP A 3 2.84 -9.07 -3.05
C ASP A 3 2.38 -7.65 -2.76
N TYR A 4 2.25 -6.87 -3.83
CA TYR A 4 1.84 -5.47 -3.74
C TYR A 4 0.47 -5.32 -3.05
N LEU A 5 -0.44 -6.26 -3.31
CA LEU A 5 -1.81 -6.16 -2.84
C LEU A 5 -1.88 -5.90 -1.34
N LYS A 6 -1.18 -6.71 -0.57
CA LYS A 6 -1.25 -6.59 0.89
C LYS A 6 -0.32 -5.51 1.42
N VAL A 7 0.58 -5.02 0.58
CA VAL A 7 1.53 -3.98 0.99
C VAL A 7 0.82 -2.81 1.67
N LEU A 8 -0.04 -2.12 0.93
CA LEU A 8 -0.74 -0.98 1.48
C LEU A 8 -1.84 -1.38 2.47
N GLN A 9 -2.64 -2.38 2.14
CA GLN A 9 -3.83 -2.66 2.94
C GLN A 9 -3.53 -3.35 4.27
N ALA A 10 -2.43 -4.10 4.35
CA ALA A 10 -2.14 -4.88 5.54
C ALA A 10 -2.00 -3.99 6.77
N ILE A 11 -1.17 -2.95 6.67
CA ILE A 11 -0.90 -2.06 7.79
C ILE A 11 -2.17 -1.56 8.48
N LYS A 12 -3.21 -1.23 7.72
CA LYS A 12 -4.43 -0.70 8.30
C LYS A 12 -5.26 -1.79 8.96
N SER A 13 -5.21 -2.99 8.40
CA SER A 13 -6.07 -4.08 8.84
C SER A 13 -5.40 -5.01 9.85
N CYS A 14 -4.13 -5.33 9.62
CA CYS A 14 -3.43 -6.34 10.42
C CYS A 14 -1.96 -5.95 10.62
N PRO A 15 -1.44 -6.09 11.85
CA PRO A 15 -0.05 -5.75 12.16
C PRO A 15 0.99 -6.65 11.46
N LYS A 16 0.50 -7.62 10.69
CA LYS A 16 1.39 -8.44 9.86
C LYS A 16 1.43 -7.88 8.46
N THR A 17 2.64 -7.53 8.00
CA THR A 17 2.82 -6.78 6.76
C THR A 17 2.33 -5.34 6.95
N PHE A 18 3.03 -4.39 6.37
CA PHE A 18 2.74 -3.01 6.65
C PHE A 18 3.19 -2.13 5.49
N GLN A 19 2.75 -0.89 5.51
CA GLN A 19 3.04 0.04 4.44
C GLN A 19 3.80 1.24 4.98
N SER A 20 3.74 1.41 6.31
CA SER A 20 4.25 2.60 7.01
C SER A 20 5.55 3.14 6.42
N ASN A 21 6.67 2.48 6.70
CA ASN A 21 7.94 2.88 6.11
C ASN A 21 8.31 1.92 4.99
N TYR A 22 7.42 0.98 4.74
CA TYR A 22 7.61 -0.03 3.72
C TYR A 22 7.46 0.61 2.34
N VAL A 23 6.55 1.58 2.25
CA VAL A 23 6.34 2.33 1.02
C VAL A 23 7.62 3.04 0.60
N ARG A 24 8.41 3.45 1.59
CA ARG A 24 9.65 4.15 1.31
C ARG A 24 10.62 3.27 0.54
N ASN A 25 10.62 1.98 0.85
CA ASN A 25 11.48 1.03 0.17
C ASN A 25 10.85 0.52 -1.11
N ASN A 26 9.56 0.20 -1.05
CA ASN A 26 8.86 -0.41 -2.19
C ASN A 26 7.81 0.52 -2.76
N ALA A 27 8.19 1.75 -3.03
CA ALA A 27 7.28 2.75 -3.60
C ALA A 27 6.81 2.32 -4.99
N SER A 28 7.65 1.56 -5.67
CA SER A 28 7.31 1.05 -7.00
C SER A 28 6.14 0.08 -6.93
N LEU A 29 6.09 -0.74 -5.88
CA LEU A 29 4.98 -1.66 -5.68
C LEU A 29 3.70 -0.88 -5.40
N VAL A 30 3.82 0.15 -4.56
CA VAL A 30 2.69 0.99 -4.19
C VAL A 30 2.12 1.69 -5.42
N ALA A 31 3.00 2.02 -6.37
CA ALA A 31 2.62 2.71 -7.59
C ALA A 31 1.61 1.91 -8.42
N GLU A 32 1.64 0.59 -8.26
CA GLU A 32 0.68 -0.30 -8.91
C GLU A 32 -0.75 0.03 -8.48
N ALA A 33 -0.87 0.55 -7.26
CA ALA A 33 -2.17 0.88 -6.69
C ALA A 33 -2.92 1.90 -7.53
N ALA A 34 -2.18 2.72 -8.27
CA ALA A 34 -2.78 3.72 -9.14
C ALA A 34 -3.58 3.04 -10.25
N SER A 35 -3.12 1.86 -10.64
CA SER A 35 -3.80 1.08 -11.67
C SER A 35 -5.06 0.43 -11.09
N ARG A 36 -5.01 0.08 -9.82
CA ARG A 36 -6.20 -0.41 -9.12
C ARG A 36 -7.15 0.73 -8.85
N GLY A 37 -6.60 1.93 -8.71
CA GLY A 37 -7.40 3.12 -8.62
C GLY A 37 -7.55 3.65 -7.21
N HIS A 38 -6.52 3.49 -6.37
CA HIS A 38 -6.57 4.04 -5.03
C HIS A 38 -5.17 4.27 -4.48
N ILE A 39 -4.95 5.46 -3.94
CA ILE A 39 -3.75 5.78 -3.17
C ILE A 39 -3.97 7.05 -2.39
N SER A 40 -3.16 7.24 -1.37
CA SER A 40 -3.34 8.35 -0.45
C SER A 40 -1.98 8.78 0.11
N CYS A 41 -1.58 10.00 -0.18
CA CYS A 41 -0.26 10.48 0.20
C CYS A 41 -0.29 11.18 1.57
N ALA A 42 0.68 10.83 2.41
CA ALA A 42 0.81 11.45 3.73
C ALA A 42 1.78 12.64 3.65
N THR A 43 3.02 12.37 3.27
CA THR A 43 4.00 13.44 3.06
C THR A 43 4.90 13.13 1.87
N THR A 44 5.23 11.85 1.74
CA THR A 44 6.06 11.32 0.66
C THR A 44 7.43 12.03 0.56
N SER A 45 7.84 12.71 1.63
CA SER A 45 9.11 13.42 1.65
C SER A 45 10.20 12.55 2.28
N GLY A 46 10.13 12.39 3.58
CA GLY A 46 11.08 11.54 4.28
C GLY A 46 10.41 10.28 4.78
N ARG A 47 11.11 9.48 5.59
CA ARG A 47 10.52 8.26 6.11
C ARG A 47 9.69 8.54 7.36
N ASN A 48 9.82 9.74 7.88
CA ASN A 48 9.07 10.16 9.06
C ASN A 48 7.68 10.65 8.63
N GLY A 49 6.84 9.72 8.24
CA GLY A 49 5.47 10.06 7.87
C GLY A 49 5.33 10.29 6.38
N GLY A 50 6.42 10.62 5.71
CA GLY A 50 6.37 10.89 4.29
C GLY A 50 6.30 9.61 3.46
N ALA A 51 5.21 8.92 3.63
CA ALA A 51 4.95 7.68 2.92
C ALA A 51 3.54 7.72 2.35
N TRP A 52 3.18 6.70 1.61
CA TRP A 52 1.83 6.60 1.10
C TRP A 52 1.01 5.75 2.05
N GLU A 53 -0.22 6.16 2.26
CA GLU A 53 -1.16 5.43 3.08
C GLU A 53 -2.26 4.91 2.16
N ILE A 54 -3.13 4.06 2.66
CA ILE A 54 -4.16 3.47 1.83
C ILE A 54 -5.54 3.95 2.23
N THR A 55 -6.42 4.02 1.24
CA THR A 55 -7.81 4.36 1.45
C THR A 55 -8.60 3.13 1.87
N ALA A 56 -9.73 3.34 2.51
CA ALA A 56 -10.54 2.24 3.03
C ALA A 56 -11.08 1.35 1.92
N SER A 57 -11.28 1.94 0.75
CA SER A 57 -11.81 1.22 -0.39
C SER A 57 -10.79 0.22 -0.93
N GLY A 58 -9.52 0.56 -0.81
CA GLY A 58 -8.48 -0.24 -1.43
C GLY A 58 -8.46 -1.67 -0.92
N THR A 59 -8.68 -1.81 0.38
CA THR A 59 -8.58 -3.08 1.05
C THR A 59 -9.52 -4.15 0.48
N ARG A 60 -10.73 -3.76 0.09
CA ARG A 60 -11.73 -4.75 -0.30
C ARG A 60 -11.46 -5.34 -1.69
N PHE A 61 -11.35 -4.51 -2.72
CA PHE A 61 -11.17 -5.02 -4.08
C PHE A 61 -9.78 -5.57 -4.34
N LEU A 62 -8.77 -4.84 -3.91
CA LEU A 62 -7.40 -5.18 -4.24
C LEU A 62 -6.92 -6.45 -3.53
N LYS A 63 -7.24 -6.60 -2.24
CA LYS A 63 -6.72 -7.73 -1.46
C LYS A 63 -7.30 -9.06 -1.93
N ARG A 64 -8.56 -9.04 -2.34
CA ARG A 64 -9.27 -10.25 -2.73
C ARG A 64 -8.69 -10.84 -4.01
N MET A 65 -7.91 -10.03 -4.73
CA MET A 65 -7.31 -10.46 -5.99
C MET A 65 -6.15 -11.42 -5.76
N GLY A 66 -5.95 -11.84 -4.53
CA GLY A 66 -4.90 -12.78 -4.24
C GLY A 66 -3.75 -12.19 -3.45
N GLY A 67 -4.08 -11.38 -2.44
CA GLY A 67 -3.06 -10.73 -1.63
C GLY A 67 -2.06 -11.70 -1.02
N CYS A 68 -0.82 -11.63 -1.52
CA CYS A 68 0.28 -12.49 -1.06
C CYS A 68 -0.05 -13.97 -1.20
N VAL A 69 -0.98 -14.30 -2.09
CA VAL A 69 -1.36 -15.67 -2.32
C VAL A 69 -0.49 -16.27 -3.43
N MET A 1 2.17 -8.29 -8.76
CA MET A 1 1.02 -7.59 -8.14
C MET A 1 0.62 -8.24 -6.81
N SER A 2 0.82 -9.55 -6.69
CA SER A 2 0.37 -10.30 -5.51
C SER A 2 0.94 -9.72 -4.23
N ASP A 3 2.26 -9.52 -4.18
CA ASP A 3 2.91 -8.96 -2.99
C ASP A 3 2.41 -7.56 -2.73
N TYR A 4 2.36 -6.76 -3.79
CA TYR A 4 1.92 -5.37 -3.73
C TYR A 4 0.53 -5.26 -3.08
N LEU A 5 -0.36 -6.17 -3.43
CA LEU A 5 -1.76 -6.10 -2.99
C LEU A 5 -1.87 -5.91 -1.48
N LYS A 6 -1.11 -6.67 -0.73
CA LYS A 6 -1.21 -6.61 0.72
C LYS A 6 -0.37 -5.47 1.30
N VAL A 7 0.57 -4.94 0.52
CA VAL A 7 1.46 -3.87 0.99
C VAL A 7 0.68 -2.72 1.62
N LEU A 8 -0.16 -2.06 0.83
CA LEU A 8 -0.89 -0.89 1.33
C LEU A 8 -1.98 -1.26 2.33
N GLN A 9 -2.74 -2.31 2.04
CA GLN A 9 -3.93 -2.62 2.83
C GLN A 9 -3.60 -3.19 4.20
N ALA A 10 -2.54 -3.99 4.28
CA ALA A 10 -2.24 -4.73 5.50
C ALA A 10 -2.02 -3.79 6.68
N ILE A 11 -1.29 -2.70 6.47
CA ILE A 11 -1.01 -1.76 7.54
C ILE A 11 -2.29 -1.36 8.31
N LYS A 12 -3.39 -1.15 7.60
CA LYS A 12 -4.64 -0.79 8.25
C LYS A 12 -5.33 -2.02 8.87
N SER A 13 -5.33 -3.15 8.16
CA SER A 13 -6.14 -4.29 8.55
C SER A 13 -5.40 -5.35 9.38
N CYS A 14 -4.25 -5.79 8.90
CA CYS A 14 -3.61 -6.98 9.46
C CYS A 14 -2.09 -6.84 9.49
N PRO A 15 -1.45 -7.22 10.61
CA PRO A 15 0.02 -7.20 10.75
C PRO A 15 0.71 -8.12 9.73
N LYS A 16 2.03 -8.29 9.92
CA LYS A 16 2.88 -9.10 9.04
C LYS A 16 3.19 -8.35 7.73
N THR A 17 2.49 -7.25 7.51
CA THR A 17 2.71 -6.41 6.34
C THR A 17 2.25 -5.00 6.65
N PHE A 18 2.91 -4.01 6.06
CA PHE A 18 2.61 -2.61 6.31
C PHE A 18 3.13 -1.76 5.18
N GLN A 19 2.72 -0.49 5.15
CA GLN A 19 3.08 0.40 4.07
C GLN A 19 3.86 1.62 4.57
N SER A 20 3.76 1.90 5.87
CA SER A 20 4.23 3.17 6.45
C SER A 20 5.63 3.56 5.98
N ASN A 21 6.66 2.96 6.58
CA ASN A 21 8.03 3.25 6.16
C ASN A 21 8.44 2.25 5.11
N TYR A 22 7.54 1.32 4.86
CA TYR A 22 7.76 0.25 3.90
C TYR A 22 7.72 0.82 2.48
N VAL A 23 6.85 1.81 2.27
CA VAL A 23 6.72 2.43 0.96
C VAL A 23 8.00 3.14 0.55
N ARG A 24 8.74 3.66 1.53
CA ARG A 24 10.02 4.29 1.25
C ARG A 24 10.97 3.28 0.60
N ASN A 25 10.77 2.00 0.93
CA ASN A 25 11.55 0.94 0.35
C ASN A 25 10.94 0.46 -0.97
N ASN A 26 9.67 0.08 -0.93
CA ASN A 26 9.00 -0.49 -2.09
C ASN A 26 7.90 0.42 -2.63
N ALA A 27 8.26 1.67 -2.89
CA ALA A 27 7.33 2.64 -3.46
C ALA A 27 6.84 2.18 -4.84
N SER A 28 7.69 1.42 -5.52
CA SER A 28 7.38 0.89 -6.83
C SER A 28 6.20 -0.07 -6.77
N LEU A 29 6.14 -0.86 -5.69
CA LEU A 29 5.02 -1.77 -5.48
C LEU A 29 3.74 -0.97 -5.27
N VAL A 30 3.83 0.04 -4.42
CA VAL A 30 2.69 0.90 -4.14
C VAL A 30 2.21 1.63 -5.40
N ALA A 31 3.15 1.92 -6.30
CA ALA A 31 2.83 2.63 -7.54
C ALA A 31 1.87 1.84 -8.42
N GLU A 32 1.86 0.52 -8.27
CA GLU A 32 0.93 -0.34 -8.99
C GLU A 32 -0.53 0.03 -8.68
N ALA A 33 -0.72 0.52 -7.45
CA ALA A 33 -2.04 0.87 -6.94
C ALA A 33 -2.76 1.90 -7.78
N ALA A 34 -2.02 2.71 -8.51
CA ALA A 34 -2.62 3.72 -9.36
C ALA A 34 -3.54 3.06 -10.39
N SER A 35 -3.19 1.85 -10.80
CA SER A 35 -4.01 1.10 -11.74
C SER A 35 -5.25 0.55 -11.05
N ARG A 36 -5.13 0.18 -9.77
CA ARG A 36 -6.27 -0.28 -8.99
C ARG A 36 -7.24 0.87 -8.75
N GLY A 37 -6.69 2.08 -8.62
CA GLY A 37 -7.52 3.27 -8.58
C GLY A 37 -7.62 3.91 -7.21
N HIS A 38 -6.88 3.41 -6.23
CA HIS A 38 -6.94 3.98 -4.89
C HIS A 38 -5.58 4.02 -4.20
N ILE A 39 -5.22 5.22 -3.74
CA ILE A 39 -4.00 5.47 -2.97
C ILE A 39 -4.10 6.84 -2.30
N SER A 40 -3.19 7.11 -1.39
CA SER A 40 -3.15 8.40 -0.71
C SER A 40 -1.72 8.78 -0.37
N CYS A 41 -1.25 9.88 -0.93
CA CYS A 41 0.11 10.33 -0.72
C CYS A 41 0.16 11.44 0.33
N ALA A 42 0.95 11.23 1.37
CA ALA A 42 1.11 12.23 2.41
C ALA A 42 2.16 13.26 1.99
N THR A 43 3.31 12.80 1.52
CA THR A 43 4.32 13.69 0.96
C THR A 43 5.21 12.97 -0.05
N THR A 44 5.51 11.70 0.25
CA THR A 44 6.36 10.84 -0.59
C THR A 44 7.83 11.29 -0.60
N SER A 45 8.07 12.57 -0.34
CA SER A 45 9.41 13.14 -0.39
C SER A 45 10.35 12.52 0.63
N GLY A 46 9.90 12.41 1.87
CA GLY A 46 10.74 11.87 2.92
C GLY A 46 10.42 10.42 3.22
N ARG A 47 10.74 10.01 4.44
CA ARG A 47 10.48 8.64 4.89
C ARG A 47 9.49 8.65 6.05
N ASN A 48 9.20 9.84 6.54
CA ASN A 48 8.33 9.99 7.70
C ASN A 48 6.95 10.44 7.28
N GLY A 49 6.79 11.74 7.06
CA GLY A 49 5.54 12.28 6.58
C GLY A 49 5.35 12.01 5.12
N GLY A 50 6.45 11.76 4.43
CA GLY A 50 6.38 11.48 3.02
C GLY A 50 6.19 10.01 2.74
N ALA A 51 5.02 9.50 3.06
CA ALA A 51 4.70 8.11 2.79
C ALA A 51 3.34 8.01 2.11
N TRP A 52 3.04 6.84 1.56
CA TRP A 52 1.72 6.58 1.01
C TRP A 52 0.90 5.79 2.02
N GLU A 53 -0.36 6.12 2.11
CA GLU A 53 -1.29 5.36 2.93
C GLU A 53 -2.42 4.87 2.04
N ILE A 54 -3.16 3.88 2.50
CA ILE A 54 -4.24 3.32 1.72
C ILE A 54 -5.57 3.94 2.13
N THR A 55 -6.50 3.98 1.19
CA THR A 55 -7.84 4.41 1.50
C THR A 55 -8.64 3.22 2.01
N ALA A 56 -9.70 3.47 2.77
CA ALA A 56 -10.46 2.39 3.40
C ALA A 56 -10.95 1.37 2.36
N SER A 57 -11.35 1.88 1.21
CA SER A 57 -11.92 1.06 0.15
C SER A 57 -10.90 0.11 -0.49
N GLY A 58 -9.62 0.49 -0.44
CA GLY A 58 -8.61 -0.23 -1.20
C GLY A 58 -8.50 -1.68 -0.79
N THR A 59 -8.58 -1.92 0.51
CA THR A 59 -8.40 -3.24 1.08
C THR A 59 -9.40 -4.27 0.53
N ARG A 60 -10.61 -3.82 0.20
CA ARG A 60 -11.68 -4.76 -0.13
C ARG A 60 -11.48 -5.38 -1.52
N PHE A 61 -11.40 -4.54 -2.55
CA PHE A 61 -11.28 -5.02 -3.92
C PHE A 61 -9.89 -5.54 -4.25
N LEU A 62 -8.88 -4.79 -3.86
CA LEU A 62 -7.51 -5.08 -4.26
C LEU A 62 -6.96 -6.36 -3.64
N LYS A 63 -7.20 -6.56 -2.34
CA LYS A 63 -6.61 -7.68 -1.61
C LYS A 63 -7.15 -9.03 -2.11
N ARG A 64 -8.44 -9.04 -2.45
CA ARG A 64 -9.10 -10.27 -2.88
C ARG A 64 -8.56 -10.74 -4.23
N MET A 65 -7.87 -9.84 -4.93
CA MET A 65 -7.35 -10.15 -6.28
C MET A 65 -6.15 -11.08 -6.23
N GLY A 66 -5.91 -11.67 -5.07
CA GLY A 66 -4.81 -12.60 -4.93
C GLY A 66 -3.67 -12.05 -4.11
N GLY A 67 -4.00 -11.39 -3.00
CA GLY A 67 -2.98 -10.82 -2.13
C GLY A 67 -1.99 -11.85 -1.64
N CYS A 68 -0.75 -11.75 -2.13
CA CYS A 68 0.33 -12.67 -1.80
C CYS A 68 0.04 -14.08 -2.34
N VAL A 69 -0.83 -14.16 -3.34
CA VAL A 69 -1.15 -15.45 -3.96
C VAL A 69 -0.42 -15.59 -5.29
N MET A 1 2.25 -8.08 -8.82
CA MET A 1 1.20 -7.29 -8.12
C MET A 1 0.71 -8.02 -6.88
N SER A 2 1.00 -9.31 -6.79
CA SER A 2 0.47 -10.14 -5.72
C SER A 2 0.90 -9.62 -4.34
N ASP A 3 2.19 -9.42 -4.16
CA ASP A 3 2.73 -8.96 -2.88
C ASP A 3 2.29 -7.53 -2.61
N TYR A 4 2.25 -6.72 -3.67
CA TYR A 4 1.84 -5.32 -3.57
C TYR A 4 0.44 -5.21 -2.94
N LEU A 5 -0.42 -6.17 -3.25
CA LEU A 5 -1.81 -6.13 -2.80
C LEU A 5 -1.90 -5.91 -1.30
N LYS A 6 -1.12 -6.68 -0.54
CA LYS A 6 -1.19 -6.60 0.90
C LYS A 6 -0.35 -5.45 1.46
N VAL A 7 0.56 -4.92 0.66
CA VAL A 7 1.47 -3.86 1.10
C VAL A 7 0.71 -2.72 1.78
N LEU A 8 -0.12 -2.03 1.02
CA LEU A 8 -0.85 -0.88 1.56
C LEU A 8 -1.97 -1.29 2.54
N GLN A 9 -2.73 -2.32 2.22
CA GLN A 9 -3.91 -2.66 3.03
C GLN A 9 -3.56 -3.36 4.35
N ALA A 10 -2.45 -4.07 4.40
CA ALA A 10 -2.14 -4.87 5.58
C ALA A 10 -1.95 -4.02 6.83
N ILE A 11 -1.17 -2.95 6.70
CA ILE A 11 -0.88 -2.06 7.82
C ILE A 11 -2.16 -1.62 8.57
N LYS A 12 -3.23 -1.33 7.83
CA LYS A 12 -4.47 -0.87 8.45
C LYS A 12 -5.23 -2.04 9.09
N SER A 13 -5.02 -3.24 8.56
CA SER A 13 -5.78 -4.41 8.97
C SER A 13 -5.06 -5.19 10.08
N CYS A 14 -3.78 -5.49 9.85
CA CYS A 14 -3.01 -6.30 10.78
C CYS A 14 -1.54 -5.94 10.67
N PRO A 15 -0.90 -5.60 11.80
CA PRO A 15 0.48 -5.09 11.82
C PRO A 15 1.55 -6.17 11.57
N LYS A 16 1.29 -7.06 10.62
CA LYS A 16 2.30 -8.02 10.19
C LYS A 16 2.98 -7.48 8.95
N THR A 17 2.26 -7.49 7.84
CA THR A 17 2.66 -6.75 6.66
C THR A 17 2.22 -5.30 6.85
N PHE A 18 2.97 -4.36 6.33
CA PHE A 18 2.68 -2.96 6.57
C PHE A 18 3.08 -2.11 5.39
N GLN A 19 2.75 -0.83 5.48
CA GLN A 19 3.05 0.10 4.41
C GLN A 19 3.96 1.21 4.93
N SER A 20 4.19 1.22 6.24
CA SER A 20 4.90 2.30 6.93
C SER A 20 6.22 2.66 6.25
N ASN A 21 7.22 1.80 6.37
CA ASN A 21 8.50 2.01 5.72
C ASN A 21 8.54 1.23 4.42
N TYR A 22 7.47 0.49 4.17
CA TYR A 22 7.37 -0.32 2.96
C TYR A 22 7.29 0.57 1.73
N VAL A 23 6.57 1.68 1.87
CA VAL A 23 6.45 2.66 0.79
C VAL A 23 7.80 3.26 0.45
N ARG A 24 8.62 3.48 1.46
CA ARG A 24 9.97 4.01 1.26
C ARG A 24 10.77 3.14 0.29
N ASN A 25 10.83 1.86 0.56
CA ASN A 25 11.62 0.94 -0.25
C ASN A 25 10.87 0.50 -1.49
N ASN A 26 9.66 -0.01 -1.30
CA ASN A 26 8.91 -0.62 -2.38
C ASN A 26 7.85 0.35 -2.91
N ALA A 27 8.27 1.57 -3.22
CA ALA A 27 7.37 2.59 -3.73
C ALA A 27 6.80 2.17 -5.08
N SER A 28 7.56 1.39 -5.83
CA SER A 28 7.13 0.88 -7.12
C SER A 28 5.94 -0.05 -6.96
N LEU A 29 5.94 -0.83 -5.88
CA LEU A 29 4.82 -1.69 -5.56
C LEU A 29 3.59 -0.86 -5.23
N VAL A 30 3.79 0.14 -4.39
CA VAL A 30 2.71 1.03 -3.98
C VAL A 30 2.17 1.80 -5.19
N ALA A 31 3.05 2.10 -6.14
CA ALA A 31 2.68 2.83 -7.34
C ALA A 31 1.69 2.04 -8.20
N GLU A 32 1.77 0.71 -8.12
CA GLU A 32 0.84 -0.17 -8.84
C GLU A 32 -0.60 0.09 -8.42
N ALA A 33 -0.76 0.56 -7.19
CA ALA A 33 -2.08 0.88 -6.64
C ALA A 33 -2.83 1.87 -7.50
N ALA A 34 -2.10 2.70 -8.23
CA ALA A 34 -2.70 3.66 -9.14
C ALA A 34 -3.48 2.94 -10.23
N SER A 35 -2.99 1.77 -10.64
CA SER A 35 -3.67 0.96 -11.64
C SER A 35 -4.94 0.35 -11.05
N ARG A 36 -4.90 0.04 -9.76
CA ARG A 36 -6.08 -0.46 -9.06
C ARG A 36 -7.06 0.69 -8.78
N GLY A 37 -6.51 1.89 -8.72
CA GLY A 37 -7.34 3.08 -8.65
C GLY A 37 -7.51 3.62 -7.24
N HIS A 38 -6.52 3.41 -6.38
CA HIS A 38 -6.60 3.94 -5.02
C HIS A 38 -5.22 4.18 -4.44
N ILE A 39 -5.02 5.39 -3.93
CA ILE A 39 -3.79 5.75 -3.20
C ILE A 39 -4.00 7.05 -2.44
N SER A 40 -3.14 7.29 -1.47
CA SER A 40 -3.20 8.51 -0.69
C SER A 40 -1.79 8.92 -0.28
N CYS A 41 -1.35 10.09 -0.69
CA CYS A 41 0.02 10.51 -0.44
C CYS A 41 0.08 11.65 0.58
N ALA A 42 0.84 11.43 1.63
CA ALA A 42 1.14 12.50 2.57
C ALA A 42 2.30 13.33 2.04
N THR A 43 3.40 12.65 1.76
CA THR A 43 4.59 13.24 1.17
C THR A 43 5.42 12.11 0.59
N THR A 44 6.61 12.40 0.09
CA THR A 44 7.57 11.36 -0.33
C THR A 44 8.98 11.96 -0.41
N SER A 45 9.06 13.28 -0.31
CA SER A 45 10.32 14.00 -0.44
C SER A 45 11.35 13.51 0.56
N GLY A 46 10.90 13.17 1.75
CA GLY A 46 11.77 12.65 2.76
C GLY A 46 11.23 11.38 3.38
N ARG A 47 11.97 10.82 4.33
CA ARG A 47 11.54 9.60 4.99
C ARG A 47 10.54 9.91 6.10
N ASN A 48 10.46 11.18 6.47
CA ASN A 48 9.51 11.62 7.48
C ASN A 48 8.36 12.35 6.82
N GLY A 49 7.17 11.77 6.89
CA GLY A 49 6.01 12.35 6.26
C GLY A 49 5.75 11.76 4.90
N GLY A 50 6.82 11.30 4.28
CA GLY A 50 6.73 10.87 2.91
C GLY A 50 6.26 9.45 2.76
N ALA A 51 5.11 9.15 3.33
CA ALA A 51 4.55 7.82 3.22
C ALA A 51 3.26 7.87 2.43
N TRP A 52 2.98 6.79 1.72
CA TRP A 52 1.71 6.63 1.05
C TRP A 52 0.81 5.77 1.91
N GLU A 53 -0.40 6.22 2.13
CA GLU A 53 -1.34 5.47 2.93
C GLU A 53 -2.47 4.96 2.04
N ILE A 54 -3.24 4.04 2.56
CA ILE A 54 -4.29 3.42 1.77
C ILE A 54 -5.65 4.01 2.12
N THR A 55 -6.54 4.04 1.14
CA THR A 55 -7.90 4.44 1.38
C THR A 55 -8.70 3.23 1.89
N ALA A 56 -9.79 3.46 2.60
CA ALA A 56 -10.49 2.37 3.26
C ALA A 56 -10.97 1.32 2.27
N SER A 57 -11.53 1.78 1.17
CA SER A 57 -12.10 0.91 0.15
C SER A 57 -11.04 0.06 -0.56
N GLY A 58 -9.80 0.53 -0.56
CA GLY A 58 -8.76 -0.12 -1.33
C GLY A 58 -8.51 -1.55 -0.88
N THR A 59 -8.74 -1.76 0.41
CA THR A 59 -8.52 -3.05 1.03
C THR A 59 -9.35 -4.16 0.38
N ARG A 60 -10.58 -3.85 -0.01
CA ARG A 60 -11.53 -4.89 -0.40
C ARG A 60 -11.26 -5.43 -1.81
N PHE A 61 -11.24 -4.56 -2.81
CA PHE A 61 -11.12 -5.00 -4.19
C PHE A 61 -9.71 -5.46 -4.54
N LEU A 62 -8.73 -4.78 -4.01
CA LEU A 62 -7.35 -5.08 -4.33
C LEU A 62 -6.89 -6.42 -3.71
N LYS A 63 -7.15 -6.63 -2.42
CA LYS A 63 -6.66 -7.81 -1.72
C LYS A 63 -7.38 -9.07 -2.17
N ARG A 64 -8.63 -8.91 -2.61
CA ARG A 64 -9.45 -10.05 -3.01
C ARG A 64 -8.84 -10.80 -4.19
N MET A 65 -7.89 -10.15 -4.88
CA MET A 65 -7.21 -10.78 -6.02
C MET A 65 -6.15 -11.78 -5.54
N GLY A 66 -6.34 -12.26 -4.32
CA GLY A 66 -5.50 -13.30 -3.75
C GLY A 66 -4.66 -12.80 -2.60
N GLY A 67 -4.13 -11.59 -2.72
CA GLY A 67 -3.28 -11.05 -1.67
C GLY A 67 -2.02 -11.86 -1.45
N CYS A 68 -0.93 -11.46 -2.11
CA CYS A 68 0.35 -12.15 -2.04
C CYS A 68 0.25 -13.54 -2.69
N VAL A 69 -0.71 -13.70 -3.59
CA VAL A 69 -0.85 -14.94 -4.34
C VAL A 69 -0.30 -14.76 -5.75
N MET A 1 2.58 -7.76 -9.11
CA MET A 1 1.32 -7.18 -8.59
C MET A 1 0.80 -7.97 -7.39
N SER A 2 1.24 -9.22 -7.25
CA SER A 2 0.69 -10.09 -6.21
C SER A 2 1.08 -9.66 -4.81
N ASP A 3 2.38 -9.45 -4.59
CA ASP A 3 2.87 -9.08 -3.27
C ASP A 3 2.50 -7.66 -2.92
N TYR A 4 2.44 -6.81 -3.94
CA TYR A 4 2.02 -5.42 -3.77
C TYR A 4 0.67 -5.33 -3.07
N LEU A 5 -0.20 -6.29 -3.37
CA LEU A 5 -1.58 -6.24 -2.93
C LEU A 5 -1.69 -5.98 -1.43
N LYS A 6 -1.05 -6.81 -0.63
CA LYS A 6 -1.20 -6.71 0.82
C LYS A 6 -0.34 -5.58 1.39
N VAL A 7 0.60 -5.07 0.60
CA VAL A 7 1.50 -4.01 1.06
C VAL A 7 0.74 -2.84 1.69
N LEU A 8 -0.07 -2.15 0.89
CA LEU A 8 -0.78 -0.98 1.37
C LEU A 8 -1.89 -1.30 2.36
N GLN A 9 -2.72 -2.28 2.03
CA GLN A 9 -3.93 -2.53 2.80
C GLN A 9 -3.66 -3.19 4.16
N ALA A 10 -2.61 -3.99 4.23
CA ALA A 10 -2.31 -4.73 5.45
C ALA A 10 -2.12 -3.79 6.65
N ILE A 11 -1.40 -2.70 6.47
CA ILE A 11 -1.13 -1.78 7.57
C ILE A 11 -2.41 -1.38 8.32
N LYS A 12 -3.47 -1.06 7.59
CA LYS A 12 -4.72 -0.64 8.21
C LYS A 12 -5.48 -1.85 8.77
N SER A 13 -5.27 -3.02 8.18
CA SER A 13 -6.09 -4.19 8.48
C SER A 13 -5.46 -5.07 9.55
N CYS A 14 -4.21 -5.43 9.37
CA CYS A 14 -3.57 -6.47 10.18
C CYS A 14 -2.12 -6.12 10.49
N PRO A 15 -1.66 -6.34 11.73
CA PRO A 15 -0.27 -6.09 12.13
C PRO A 15 0.72 -7.05 11.48
N LYS A 16 0.64 -7.17 10.17
CA LYS A 16 1.54 -8.01 9.40
C LYS A 16 1.60 -7.47 7.97
N THR A 17 2.74 -6.88 7.63
CA THR A 17 2.89 -6.11 6.39
C THR A 17 2.27 -4.71 6.58
N PHE A 18 2.95 -3.70 6.06
CA PHE A 18 2.53 -2.33 6.31
C PHE A 18 2.94 -1.43 5.15
N GLN A 19 2.54 -0.16 5.21
CA GLN A 19 2.75 0.74 4.10
C GLN A 19 3.59 1.98 4.46
N SER A 20 3.31 2.57 5.64
CA SER A 20 3.87 3.89 6.02
C SER A 20 5.33 4.11 5.59
N ASN A 21 6.28 3.50 6.29
CA ASN A 21 7.69 3.68 5.95
C ASN A 21 8.08 2.67 4.89
N TYR A 22 7.15 1.78 4.61
CA TYR A 22 7.35 0.71 3.66
C TYR A 22 7.42 1.26 2.23
N VAL A 23 6.62 2.30 1.97
CA VAL A 23 6.60 2.95 0.66
C VAL A 23 7.98 3.46 0.29
N ARG A 24 8.67 4.02 1.26
CA ARG A 24 10.05 4.49 1.06
C ARG A 24 10.92 3.40 0.42
N ASN A 25 10.75 2.16 0.84
CA ASN A 25 11.54 1.06 0.31
C ASN A 25 10.92 0.48 -0.97
N ASN A 26 9.64 0.12 -0.89
CA ASN A 26 8.97 -0.59 -1.99
C ASN A 26 8.02 0.34 -2.74
N ALA A 27 8.51 1.50 -3.15
CA ALA A 27 7.69 2.51 -3.82
C ALA A 27 7.09 1.98 -5.12
N SER A 28 7.85 1.18 -5.84
CA SER A 28 7.41 0.67 -7.13
C SER A 28 6.25 -0.32 -6.97
N LEU A 29 6.19 -1.00 -5.84
CA LEU A 29 5.05 -1.87 -5.55
C LEU A 29 3.82 -1.02 -5.29
N VAL A 30 3.98 -0.03 -4.43
CA VAL A 30 2.89 0.87 -4.06
C VAL A 30 2.33 1.60 -5.28
N ALA A 31 3.21 1.86 -6.25
CA ALA A 31 2.82 2.54 -7.49
C ALA A 31 1.75 1.77 -8.26
N GLU A 32 1.72 0.45 -8.06
CA GLU A 32 0.70 -0.41 -8.69
C GLU A 32 -0.71 0.01 -8.28
N ALA A 33 -0.80 0.56 -7.08
CA ALA A 33 -2.07 0.96 -6.49
C ALA A 33 -2.84 1.94 -7.36
N ALA A 34 -2.11 2.73 -8.13
CA ALA A 34 -2.74 3.68 -9.03
C ALA A 34 -3.59 2.95 -10.06
N SER A 35 -3.13 1.77 -10.48
CA SER A 35 -3.86 0.96 -11.44
C SER A 35 -5.08 0.33 -10.79
N ARG A 36 -5.04 0.16 -9.47
CA ARG A 36 -6.18 -0.36 -8.72
C ARG A 36 -7.10 0.78 -8.29
N GLY A 37 -6.69 2.00 -8.60
CA GLY A 37 -7.56 3.15 -8.50
C GLY A 37 -7.69 3.68 -7.10
N HIS A 38 -6.66 3.53 -6.28
CA HIS A 38 -6.73 4.02 -4.92
C HIS A 38 -5.34 4.29 -4.35
N ILE A 39 -5.14 5.50 -3.85
CA ILE A 39 -3.93 5.88 -3.12
C ILE A 39 -4.17 7.18 -2.39
N SER A 40 -3.31 7.47 -1.43
CA SER A 40 -3.41 8.68 -0.65
C SER A 40 -2.01 9.09 -0.21
N CYS A 41 -1.65 10.35 -0.36
CA CYS A 41 -0.29 10.79 -0.07
C CYS A 41 -0.14 11.11 1.41
N ALA A 42 0.97 10.68 1.99
CA ALA A 42 1.24 10.93 3.40
C ALA A 42 2.61 11.55 3.61
N THR A 43 3.32 11.82 2.50
CA THR A 43 4.72 12.25 2.57
C THR A 43 5.60 11.08 3.01
N THR A 44 6.79 10.94 2.41
CA THR A 44 7.64 9.79 2.69
C THR A 44 8.18 9.83 4.11
N SER A 45 7.99 10.98 4.75
CA SER A 45 8.24 11.16 6.17
C SER A 45 9.68 10.77 6.50
N GLY A 46 10.60 11.05 5.57
CA GLY A 46 11.98 10.71 5.76
C GLY A 46 12.74 10.55 4.47
N ARG A 47 12.07 10.13 3.40
CA ARG A 47 12.77 9.84 2.14
C ARG A 47 12.85 11.08 1.25
N ASN A 48 12.15 12.15 1.66
CA ASN A 48 12.05 13.39 0.88
C ASN A 48 11.18 13.17 -0.36
N GLY A 49 9.87 13.25 -0.17
CA GLY A 49 8.94 13.02 -1.27
C GLY A 49 7.57 12.61 -0.77
N GLY A 50 6.77 12.05 -1.64
CA GLY A 50 5.41 11.68 -1.27
C GLY A 50 5.21 10.19 -1.14
N ALA A 51 5.01 9.72 0.08
CA ALA A 51 4.69 8.32 0.32
C ALA A 51 3.19 8.15 0.32
N TRP A 52 2.75 6.92 0.36
CA TRP A 52 1.34 6.64 0.21
C TRP A 52 0.77 5.91 1.42
N GLU A 53 -0.50 6.17 1.67
CA GLU A 53 -1.28 5.40 2.60
C GLU A 53 -2.51 4.92 1.86
N ILE A 54 -3.25 3.98 2.43
CA ILE A 54 -4.36 3.39 1.72
C ILE A 54 -5.70 3.93 2.20
N THR A 55 -6.61 4.09 1.25
CA THR A 55 -7.96 4.48 1.55
C THR A 55 -8.77 3.26 1.97
N ALA A 56 -9.87 3.45 2.70
CA ALA A 56 -10.63 2.35 3.26
C ALA A 56 -11.05 1.33 2.19
N SER A 57 -11.52 1.84 1.06
CA SER A 57 -12.03 1.01 -0.01
C SER A 57 -10.96 0.07 -0.58
N GLY A 58 -9.70 0.48 -0.49
CA GLY A 58 -8.63 -0.24 -1.14
C GLY A 58 -8.51 -1.69 -0.66
N THR A 59 -8.56 -1.87 0.64
CA THR A 59 -8.40 -3.19 1.26
C THR A 59 -9.44 -4.19 0.76
N ARG A 60 -10.60 -3.71 0.33
CA ARG A 60 -11.69 -4.60 -0.03
C ARG A 60 -11.47 -5.26 -1.39
N PHE A 61 -11.36 -4.45 -2.44
CA PHE A 61 -11.20 -4.99 -3.80
C PHE A 61 -9.80 -5.51 -4.09
N LEU A 62 -8.80 -4.75 -3.69
CA LEU A 62 -7.43 -5.02 -4.10
C LEU A 62 -6.88 -6.34 -3.54
N LYS A 63 -7.26 -6.68 -2.31
CA LYS A 63 -6.78 -7.92 -1.68
C LYS A 63 -7.37 -9.18 -2.34
N ARG A 64 -8.57 -9.06 -2.91
CA ARG A 64 -9.24 -10.21 -3.51
C ARG A 64 -8.45 -10.75 -4.70
N MET A 65 -7.52 -9.94 -5.20
CA MET A 65 -6.70 -10.32 -6.35
C MET A 65 -5.62 -11.33 -5.98
N GLY A 66 -5.84 -12.06 -4.90
CA GLY A 66 -4.93 -13.09 -4.48
C GLY A 66 -4.21 -12.76 -3.18
N GLY A 67 -3.89 -11.49 -2.99
CA GLY A 67 -3.22 -11.06 -1.76
C GLY A 67 -1.91 -11.78 -1.51
N CYS A 68 -0.84 -11.34 -2.18
CA CYS A 68 0.48 -11.97 -2.10
C CYS A 68 0.53 -13.29 -2.88
N VAL A 69 -0.55 -14.07 -2.79
CA VAL A 69 -0.65 -15.34 -3.50
C VAL A 69 0.44 -16.30 -3.04
N MET A 1 1.61 -8.66 -8.93
CA MET A 1 0.65 -7.88 -8.10
C MET A 1 0.40 -8.55 -6.75
N SER A 2 0.71 -9.84 -6.66
CA SER A 2 0.36 -10.64 -5.48
C SER A 2 0.85 -10.01 -4.17
N ASP A 3 2.13 -9.67 -4.10
CA ASP A 3 2.71 -9.09 -2.88
C ASP A 3 2.28 -7.65 -2.71
N TYR A 4 2.20 -6.95 -3.83
CA TYR A 4 1.85 -5.53 -3.86
C TYR A 4 0.48 -5.29 -3.22
N LEU A 5 -0.44 -6.24 -3.41
CA LEU A 5 -1.81 -6.08 -2.93
C LEU A 5 -1.85 -5.76 -1.45
N LYS A 6 -1.24 -6.59 -0.63
CA LYS A 6 -1.34 -6.42 0.81
C LYS A 6 -0.37 -5.37 1.35
N VAL A 7 0.54 -4.91 0.52
CA VAL A 7 1.50 -3.90 0.94
C VAL A 7 0.80 -2.69 1.58
N LEU A 8 -0.03 -2.01 0.81
CA LEU A 8 -0.70 -0.81 1.31
C LEU A 8 -1.78 -1.13 2.34
N GLN A 9 -2.65 -2.07 2.03
CA GLN A 9 -3.84 -2.32 2.84
C GLN A 9 -3.56 -3.04 4.15
N ALA A 10 -2.53 -3.87 4.20
CA ALA A 10 -2.30 -4.68 5.40
C ALA A 10 -2.12 -3.82 6.65
N ILE A 11 -1.32 -2.76 6.55
CA ILE A 11 -1.06 -1.88 7.69
C ILE A 11 -2.36 -1.41 8.39
N LYS A 12 -3.37 -1.06 7.61
CA LYS A 12 -4.63 -0.58 8.17
C LYS A 12 -5.48 -1.73 8.71
N SER A 13 -5.21 -2.92 8.21
CA SER A 13 -5.99 -4.09 8.60
C SER A 13 -5.35 -4.83 9.78
N CYS A 14 -4.07 -5.13 9.68
CA CYS A 14 -3.37 -5.93 10.68
C CYS A 14 -1.89 -5.56 10.71
N PRO A 15 -1.32 -5.39 11.91
CA PRO A 15 0.09 -4.99 12.09
C PRO A 15 1.07 -6.13 11.79
N LYS A 16 0.90 -6.77 10.64
CA LYS A 16 1.80 -7.83 10.20
C LYS A 16 2.57 -7.34 8.98
N THR A 17 1.88 -7.30 7.84
CA THR A 17 2.39 -6.61 6.67
C THR A 17 2.01 -5.15 6.79
N PHE A 18 2.85 -4.25 6.31
CA PHE A 18 2.62 -2.85 6.54
C PHE A 18 3.15 -2.01 5.39
N GLN A 19 2.76 -0.76 5.39
CA GLN A 19 3.20 0.19 4.40
C GLN A 19 3.94 1.34 5.06
N SER A 20 4.09 1.23 6.39
CA SER A 20 4.66 2.29 7.23
C SER A 20 5.98 2.84 6.65
N ASN A 21 7.03 2.03 6.72
CA ASN A 21 8.32 2.41 6.14
C ASN A 21 8.55 1.65 4.85
N TYR A 22 7.54 0.86 4.48
CA TYR A 22 7.62 -0.02 3.33
C TYR A 22 7.59 0.78 2.03
N VAL A 23 6.92 1.92 2.06
CA VAL A 23 6.78 2.78 0.88
C VAL A 23 8.14 3.19 0.34
N ARG A 24 8.97 3.75 1.19
CA ARG A 24 10.29 4.22 0.77
C ARG A 24 11.17 3.04 0.33
N ASN A 25 10.78 1.84 0.73
CA ASN A 25 11.49 0.63 0.35
C ASN A 25 10.99 0.11 -1.01
N ASN A 26 9.69 -0.14 -1.09
CA ASN A 26 9.08 -0.72 -2.29
C ASN A 26 8.03 0.21 -2.90
N ALA A 27 8.44 1.45 -3.15
CA ALA A 27 7.54 2.47 -3.69
C ALA A 27 6.93 2.05 -5.02
N SER A 28 7.67 1.28 -5.81
CA SER A 28 7.21 0.84 -7.11
C SER A 28 5.97 -0.04 -6.98
N LEU A 29 5.91 -0.83 -5.90
CA LEU A 29 4.74 -1.65 -5.64
C LEU A 29 3.55 -0.77 -5.29
N VAL A 30 3.77 0.19 -4.40
CA VAL A 30 2.71 1.10 -4.00
C VAL A 30 2.19 1.89 -5.20
N ALA A 31 3.08 2.17 -6.14
CA ALA A 31 2.72 2.90 -7.35
C ALA A 31 1.77 2.10 -8.23
N GLU A 32 1.82 0.78 -8.10
CA GLU A 32 0.93 -0.11 -8.83
C GLU A 32 -0.53 0.12 -8.42
N ALA A 33 -0.71 0.54 -7.17
CA ALA A 33 -2.04 0.79 -6.62
C ALA A 33 -2.82 1.80 -7.41
N ALA A 34 -2.12 2.67 -8.13
CA ALA A 34 -2.78 3.64 -8.99
C ALA A 34 -3.63 2.95 -10.04
N SER A 35 -3.24 1.73 -10.39
CA SER A 35 -3.99 0.91 -11.34
C SER A 35 -5.26 0.38 -10.67
N ARG A 36 -5.14 -0.06 -9.41
CA ARG A 36 -6.30 -0.50 -8.65
C ARG A 36 -7.22 0.67 -8.37
N GLY A 37 -6.64 1.87 -8.28
CA GLY A 37 -7.43 3.07 -8.28
C GLY A 37 -7.63 3.71 -6.92
N HIS A 38 -6.85 3.30 -5.92
CA HIS A 38 -6.98 3.91 -4.60
C HIS A 38 -5.64 4.00 -3.88
N ILE A 39 -5.33 5.22 -3.45
CA ILE A 39 -4.10 5.53 -2.72
C ILE A 39 -4.21 6.91 -2.10
N SER A 40 -3.30 7.23 -1.19
CA SER A 40 -3.26 8.54 -0.57
C SER A 40 -1.81 8.87 -0.20
N CYS A 41 -1.36 10.06 -0.56
CA CYS A 41 0.04 10.42 -0.43
C CYS A 41 0.28 11.41 0.70
N ALA A 42 1.36 11.21 1.43
CA ALA A 42 1.79 12.15 2.44
C ALA A 42 2.88 13.08 1.88
N THR A 43 4.03 12.52 1.50
CA THR A 43 5.09 13.33 0.89
C THR A 43 5.86 12.55 -0.18
N THR A 44 6.20 11.31 0.14
CA THR A 44 6.97 10.41 -0.74
C THR A 44 8.45 10.81 -0.86
N SER A 45 8.70 12.09 -1.11
CA SER A 45 10.04 12.59 -1.36
C SER A 45 10.98 12.39 -0.16
N GLY A 46 10.41 12.31 1.03
CA GLY A 46 11.22 12.09 2.21
C GLY A 46 10.94 10.75 2.84
N ARG A 47 11.89 10.27 3.63
CA ARG A 47 11.75 8.97 4.29
C ARG A 47 11.01 9.12 5.62
N ASN A 48 10.93 10.36 6.10
CA ASN A 48 10.33 10.65 7.40
C ASN A 48 8.82 10.52 7.34
N GLY A 49 8.17 11.49 6.72
CA GLY A 49 6.73 11.46 6.59
C GLY A 49 6.29 11.23 5.17
N GLY A 50 7.27 11.07 4.30
CA GLY A 50 6.98 10.87 2.90
C GLY A 50 6.61 9.45 2.57
N ALA A 51 5.49 9.01 3.08
CA ALA A 51 4.99 7.69 2.78
C ALA A 51 3.64 7.79 2.10
N TRP A 52 3.21 6.70 1.50
CA TRP A 52 1.86 6.58 0.99
C TRP A 52 1.02 5.80 1.98
N GLU A 53 -0.26 6.11 2.03
CA GLU A 53 -1.20 5.33 2.81
C GLU A 53 -2.35 4.93 1.90
N ILE A 54 -3.16 4.01 2.36
CA ILE A 54 -4.24 3.49 1.54
C ILE A 54 -5.58 4.02 2.01
N THR A 55 -6.52 4.14 1.09
CA THR A 55 -7.86 4.53 1.42
C THR A 55 -8.71 3.30 1.73
N ALA A 56 -9.79 3.48 2.48
CA ALA A 56 -10.57 2.35 3.01
C ALA A 56 -10.97 1.36 1.92
N SER A 57 -11.42 1.89 0.80
CA SER A 57 -11.91 1.08 -0.30
C SER A 57 -10.85 0.12 -0.85
N GLY A 58 -9.58 0.51 -0.78
CA GLY A 58 -8.52 -0.26 -1.40
C GLY A 58 -8.44 -1.68 -0.88
N THR A 59 -8.56 -1.82 0.44
CA THR A 59 -8.47 -3.11 1.11
C THR A 59 -9.42 -4.17 0.49
N ARG A 60 -10.58 -3.74 0.02
CA ARG A 60 -11.62 -4.67 -0.41
C ARG A 60 -11.33 -5.33 -1.77
N PHE A 61 -11.20 -4.52 -2.81
CA PHE A 61 -11.00 -5.04 -4.17
C PHE A 61 -9.59 -5.55 -4.41
N LEU A 62 -8.65 -4.84 -3.85
CA LEU A 62 -7.24 -5.06 -4.09
C LEU A 62 -6.75 -6.41 -3.54
N LYS A 63 -7.11 -6.73 -2.30
CA LYS A 63 -6.60 -7.94 -1.64
C LYS A 63 -7.18 -9.21 -2.23
N ARG A 64 -8.40 -9.13 -2.73
CA ARG A 64 -9.15 -10.30 -3.17
C ARG A 64 -8.48 -10.95 -4.39
N MET A 65 -7.60 -10.21 -5.04
CA MET A 65 -6.99 -10.69 -6.29
C MET A 65 -5.79 -11.59 -6.00
N GLY A 66 -5.66 -12.03 -4.75
CA GLY A 66 -4.56 -12.91 -4.41
C GLY A 66 -3.52 -12.22 -3.55
N GLY A 67 -3.97 -11.43 -2.58
CA GLY A 67 -3.05 -10.70 -1.73
C GLY A 67 -2.09 -11.60 -0.98
N CYS A 68 -0.84 -11.62 -1.44
CA CYS A 68 0.23 -12.42 -0.84
C CYS A 68 -0.18 -13.90 -0.79
N VAL A 69 -0.98 -14.31 -1.76
CA VAL A 69 -1.50 -15.66 -1.81
C VAL A 69 -0.38 -16.68 -2.08
N MET A 1 2.20 -8.24 -8.89
CA MET A 1 1.15 -7.52 -8.12
C MET A 1 0.80 -8.27 -6.83
N SER A 2 1.23 -9.53 -6.74
CA SER A 2 0.86 -10.40 -5.62
C SER A 2 1.22 -9.78 -4.27
N ASP A 3 2.48 -9.37 -4.11
CA ASP A 3 2.93 -8.82 -2.84
C ASP A 3 2.36 -7.44 -2.60
N TYR A 4 2.27 -6.68 -3.69
CA TYR A 4 1.71 -5.33 -3.64
C TYR A 4 0.33 -5.31 -2.99
N LEU A 5 -0.44 -6.36 -3.23
CA LEU A 5 -1.82 -6.44 -2.77
C LEU A 5 -1.93 -6.11 -1.29
N LYS A 6 -1.11 -6.75 -0.47
CA LYS A 6 -1.19 -6.54 0.96
C LYS A 6 -0.41 -5.32 1.42
N VAL A 7 0.59 -4.88 0.66
CA VAL A 7 1.49 -3.82 1.13
C VAL A 7 0.74 -2.60 1.67
N LEU A 8 -0.11 -2.00 0.85
CA LEU A 8 -0.88 -0.84 1.28
C LEU A 8 -1.95 -1.18 2.31
N GLN A 9 -2.69 -2.26 2.08
CA GLN A 9 -3.81 -2.59 2.96
C GLN A 9 -3.36 -3.10 4.32
N ALA A 10 -2.17 -3.67 4.37
CA ALA A 10 -1.66 -4.31 5.58
C ALA A 10 -1.58 -3.35 6.75
N ILE A 11 -1.17 -2.11 6.51
CA ILE A 11 -1.07 -1.13 7.58
C ILE A 11 -2.46 -0.78 8.12
N LYS A 12 -3.46 -0.84 7.26
CA LYS A 12 -4.84 -0.58 7.65
C LYS A 12 -5.42 -1.79 8.39
N SER A 13 -5.07 -2.98 7.95
CA SER A 13 -5.61 -4.21 8.51
C SER A 13 -4.74 -4.73 9.67
N CYS A 14 -3.56 -4.15 9.81
CA CYS A 14 -2.62 -4.55 10.86
C CYS A 14 -1.71 -3.36 11.21
N PRO A 15 -1.49 -3.10 12.52
CA PRO A 15 -0.72 -1.95 13.01
C PRO A 15 0.51 -1.58 12.17
N LYS A 16 1.41 -2.53 11.93
CA LYS A 16 2.64 -2.24 11.21
C LYS A 16 2.95 -3.33 10.19
N THR A 17 2.68 -3.06 8.91
CA THR A 17 3.00 -3.99 7.84
C THR A 17 3.08 -3.25 6.51
N PHE A 18 4.29 -3.19 5.98
CA PHE A 18 4.56 -2.70 4.63
C PHE A 18 4.34 -1.19 4.50
N GLN A 19 3.10 -0.77 4.41
CA GLN A 19 2.79 0.61 4.10
C GLN A 19 3.22 1.57 5.22
N SER A 20 3.63 1.01 6.34
CA SER A 20 4.18 1.77 7.45
C SER A 20 5.45 2.54 7.05
N ASN A 21 6.55 1.81 6.86
CA ASN A 21 7.84 2.43 6.53
C ASN A 21 8.37 1.87 5.22
N TYR A 22 7.90 0.67 4.91
CA TYR A 22 8.39 -0.13 3.78
C TYR A 22 8.14 0.58 2.46
N VAL A 23 7.14 1.47 2.43
CA VAL A 23 6.78 2.22 1.21
C VAL A 23 8.01 2.81 0.52
N ARG A 24 8.87 3.45 1.30
CA ARG A 24 10.11 4.03 0.75
C ARG A 24 10.92 2.99 -0.01
N ASN A 25 10.88 1.76 0.46
CA ASN A 25 11.66 0.67 -0.15
C ASN A 25 10.90 0.03 -1.31
N ASN A 26 9.57 -0.04 -1.21
CA ASN A 26 8.77 -0.72 -2.23
C ASN A 26 7.88 0.26 -3.00
N ALA A 27 8.41 1.46 -3.24
CA ALA A 27 7.67 2.52 -3.91
C ALA A 27 7.09 2.05 -5.25
N SER A 28 7.76 1.09 -5.88
CA SER A 28 7.30 0.55 -7.15
C SER A 28 6.09 -0.35 -6.96
N LEU A 29 6.02 -1.05 -5.83
CA LEU A 29 4.87 -1.90 -5.53
C LEU A 29 3.66 -1.02 -5.25
N VAL A 30 3.85 0.00 -4.43
CA VAL A 30 2.78 0.94 -4.11
C VAL A 30 2.29 1.67 -5.36
N ALA A 31 3.21 1.90 -6.31
CA ALA A 31 2.88 2.59 -7.55
C ALA A 31 1.81 1.83 -8.34
N GLU A 32 1.78 0.52 -8.18
CA GLU A 32 0.78 -0.32 -8.84
C GLU A 32 -0.64 0.09 -8.44
N ALA A 33 -0.76 0.61 -7.23
CA ALA A 33 -2.04 1.06 -6.69
C ALA A 33 -2.69 2.11 -7.56
N ALA A 34 -1.87 2.92 -8.21
CA ALA A 34 -2.39 3.96 -9.10
C ALA A 34 -3.15 3.34 -10.27
N SER A 35 -2.73 2.13 -10.64
CA SER A 35 -3.40 1.37 -11.68
C SER A 35 -4.73 0.79 -11.15
N ARG A 36 -4.74 0.35 -9.90
CA ARG A 36 -5.96 -0.15 -9.28
C ARG A 36 -6.94 0.99 -9.02
N GLY A 37 -6.40 2.18 -8.75
CA GLY A 37 -7.23 3.36 -8.72
C GLY A 37 -7.55 3.87 -7.32
N HIS A 38 -6.79 3.42 -6.31
CA HIS A 38 -7.02 3.93 -4.96
C HIS A 38 -5.73 3.99 -4.15
N ILE A 39 -5.45 5.17 -3.62
CA ILE A 39 -4.31 5.42 -2.73
C ILE A 39 -4.48 6.76 -2.03
N SER A 40 -3.64 6.99 -1.03
CA SER A 40 -3.61 8.27 -0.35
C SER A 40 -2.17 8.63 -0.03
N CYS A 41 -1.74 9.82 -0.43
CA CYS A 41 -0.35 10.22 -0.32
C CYS A 41 -0.13 11.09 0.90
N ALA A 42 1.04 10.96 1.51
CA ALA A 42 1.45 11.83 2.59
C ALA A 42 2.51 12.82 2.09
N THR A 43 3.65 12.30 1.64
CA THR A 43 4.68 13.14 1.03
C THR A 43 5.49 12.36 0.00
N THR A 44 5.84 11.13 0.39
CA THR A 44 6.60 10.20 -0.45
C THR A 44 7.95 10.79 -0.89
N SER A 45 8.45 11.76 -0.14
CA SER A 45 9.74 12.36 -0.42
C SER A 45 10.84 11.64 0.35
N GLY A 46 10.71 11.62 1.66
CA GLY A 46 11.66 10.94 2.51
C GLY A 46 10.96 10.20 3.63
N ARG A 47 11.71 9.81 4.66
CA ARG A 47 11.14 9.08 5.77
C ARG A 47 10.43 10.01 6.75
N ASN A 48 10.55 11.31 6.51
CA ASN A 48 9.93 12.31 7.37
C ASN A 48 8.44 12.49 7.05
N GLY A 49 7.70 11.39 7.14
CA GLY A 49 6.28 11.44 6.88
C GLY A 49 5.94 11.18 5.42
N GLY A 50 6.97 11.16 4.58
CA GLY A 50 6.75 10.93 3.17
C GLY A 50 6.52 9.46 2.86
N ALA A 51 5.30 9.02 3.08
CA ALA A 51 4.90 7.66 2.75
C ALA A 51 3.53 7.66 2.08
N TRP A 52 3.13 6.50 1.57
CA TRP A 52 1.78 6.33 1.04
C TRP A 52 0.92 5.61 2.08
N GLU A 53 -0.38 5.73 1.93
CA GLU A 53 -1.30 4.95 2.75
C GLU A 53 -2.50 4.56 1.90
N ILE A 54 -3.31 3.66 2.42
CA ILE A 54 -4.43 3.12 1.68
C ILE A 54 -5.75 3.73 2.17
N THR A 55 -6.74 3.76 1.28
CA THR A 55 -8.08 4.14 1.66
C THR A 55 -8.82 2.91 2.17
N ALA A 56 -9.87 3.10 2.96
CA ALA A 56 -10.58 1.96 3.54
C ALA A 56 -11.09 1.01 2.46
N SER A 57 -11.49 1.58 1.34
CA SER A 57 -12.04 0.82 0.22
C SER A 57 -11.00 -0.09 -0.44
N GLY A 58 -9.73 0.29 -0.33
CA GLY A 58 -8.68 -0.38 -1.08
C GLY A 58 -8.58 -1.85 -0.77
N THR A 59 -8.57 -2.17 0.51
CA THR A 59 -8.41 -3.54 0.99
C THR A 59 -9.47 -4.48 0.40
N ARG A 60 -10.63 -3.95 0.07
CA ARG A 60 -11.75 -4.77 -0.35
C ARG A 60 -11.56 -5.28 -1.79
N PHE A 61 -11.41 -4.37 -2.74
CA PHE A 61 -11.25 -4.77 -4.14
C PHE A 61 -9.84 -5.29 -4.47
N LEU A 62 -8.83 -4.55 -4.05
CA LEU A 62 -7.46 -4.84 -4.45
C LEU A 62 -6.95 -6.13 -3.80
N LYS A 63 -7.11 -6.24 -2.49
CA LYS A 63 -6.54 -7.35 -1.73
C LYS A 63 -7.26 -8.66 -2.01
N ARG A 64 -8.53 -8.58 -2.41
CA ARG A 64 -9.35 -9.76 -2.67
C ARG A 64 -8.68 -10.71 -3.68
N MET A 65 -7.69 -10.20 -4.42
CA MET A 65 -6.93 -11.03 -5.38
C MET A 65 -5.97 -11.98 -4.66
N GLY A 66 -6.22 -12.21 -3.37
CA GLY A 66 -5.46 -13.17 -2.61
C GLY A 66 -4.58 -12.51 -1.56
N GLY A 67 -3.99 -11.38 -1.91
CA GLY A 67 -3.13 -10.68 -0.98
C GLY A 67 -1.83 -11.41 -0.69
N CYS A 68 -0.74 -10.95 -1.31
CA CYS A 68 0.59 -11.51 -1.10
C CYS A 68 0.67 -13.00 -1.48
N VAL A 69 -0.27 -13.45 -2.29
CA VAL A 69 -0.26 -14.83 -2.78
C VAL A 69 -0.60 -14.85 -4.28
#